data_5FYM
#
_entry.id   5FYM
#
_cell.length_a   90.480
_cell.length_b   109.340
_cell.length_c   117.300
_cell.angle_alpha   90.00
_cell.angle_beta   90.00
_cell.angle_gamma   90.00
#
_symmetry.space_group_name_H-M   'P 21 21 21'
#
loop_
_entity.id
_entity.type
_entity.pdbx_description
1 polymer 'HISTONE DEMETHYLASE UTY'
2 non-polymer 'MANGANESE (II) ION'
3 non-polymer '(2R)-2-hydroxypentanedioic acid'
4 non-polymer 1,2-ETHANEDIOL
5 non-polymer 'ZINC ION'
6 water water
#
_entity_poly.entity_id   1
_entity_poly.type   'polypeptide(L)'
_entity_poly.pdbx_seq_one_letter_code
;MLPKDKLNPPTPSIYLENKRDAFFPPLHQFCTNPKNPVTVIRGLAGALKLDLGLFSTKTLVEANNEHMVEVRTQLLQPAD
ENWDPTGTKKIWRCESNRSHTTIAKYAQYQASSFQESLREENEKRTQHKDHSDNESTSSENSGRRRKGPFKTIKFGTNID
LSDNKKWKLQLHELTKLPAFARVVSAGNLLTHVGHTILGMNTVQLYMKVPGSRTPGHQENNNFCSVNINIGPGDCEWFVV
PEDYWGVLNDFCEKNNLNFLMSSWWPNLEDLYEANVPVYRFIQRPGDLVWINAGTVHWVQAVGWCNNIAWNVGPLTACQY
KLAVERYEWNKLKSVKSPVPMVHLSWNMARNIKVSDPKLFEMIKYCLLKILKQYQTLREALVAAGKEVIWHGRTNDEPAH
YCSICEVEVFNLLFVTNESNTQKTYIVHCHDCARKTSKSLENFVVLEQYKMEDLIQVYDQFTLALSLSSSSAENLYFQ
;
_entity_poly.pdbx_strand_id   A,B
#
# COMPACT_ATOMS: atom_id res chain seq x y z
N LYS A 4 12.18 -32.07 -19.38
CA LYS A 4 12.56 -30.68 -19.64
C LYS A 4 13.21 -30.03 -18.43
N ASP A 5 14.08 -29.05 -18.67
CA ASP A 5 14.58 -28.19 -17.60
C ASP A 5 13.45 -27.28 -17.15
N LYS A 6 12.43 -27.18 -18.00
CA LYS A 6 11.22 -26.44 -17.69
C LYS A 6 10.46 -27.15 -16.57
N LEU A 7 10.91 -28.34 -16.21
CA LEU A 7 10.28 -29.10 -15.13
C LEU A 7 11.03 -28.90 -13.81
N ASN A 8 12.18 -28.24 -13.89
CA ASN A 8 12.94 -27.79 -12.72
C ASN A 8 13.24 -26.30 -12.80
N PRO A 9 12.19 -25.45 -12.83
CA PRO A 9 12.38 -24.02 -13.05
C PRO A 9 13.15 -23.32 -11.93
N PRO A 10 13.76 -22.17 -12.23
CA PRO A 10 14.41 -21.35 -11.20
C PRO A 10 13.39 -20.77 -10.22
N THR A 11 13.83 -20.46 -9.01
CA THR A 11 12.94 -19.86 -8.03
C THR A 11 12.87 -18.35 -8.19
N PRO A 12 11.66 -17.81 -8.36
CA PRO A 12 11.54 -16.34 -8.30
C PRO A 12 12.13 -15.86 -6.98
N SER A 13 13.17 -15.04 -7.09
N SER A 13 13.15 -15.01 -7.06
CA SER A 13 13.92 -14.62 -5.93
CA SER A 13 13.97 -14.70 -5.89
C SER A 13 14.17 -13.13 -5.97
C SER A 13 14.46 -13.24 -5.85
N ILE A 14 14.12 -12.53 -4.78
CA ILE A 14 14.48 -11.13 -4.60
C ILE A 14 15.54 -11.06 -3.50
N TYR A 15 16.59 -10.31 -3.76
CA TYR A 15 17.69 -10.17 -2.81
C TYR A 15 17.65 -8.80 -2.14
N LEU A 16 17.28 -8.75 -0.86
CA LEU A 16 17.20 -7.47 -0.15
C LEU A 16 18.50 -7.10 0.55
N GLU A 17 18.86 -5.83 0.49
CA GLU A 17 20.04 -5.32 1.19
C GLU A 17 19.70 -4.43 2.38
N ASN A 18 18.65 -3.61 2.22
CA ASN A 18 18.32 -2.63 3.24
C ASN A 18 16.83 -2.34 3.27
N LYS A 19 16.42 -1.42 4.13
CA LYS A 19 14.99 -1.11 4.30
C LYS A 19 14.36 -0.57 3.03
N ARG A 20 15.14 0.16 2.23
CA ARG A 20 14.62 0.69 0.96
C ARG A 20 14.15 -0.44 0.08
N ASP A 21 14.96 -1.48 -0.02
CA ASP A 21 14.63 -2.64 -0.86
C ASP A 21 13.35 -3.31 -0.36
N ALA A 22 13.20 -3.39 0.96
CA ALA A 22 12.04 -4.06 1.57
C ALA A 22 10.74 -3.28 1.39
N PHE A 23 10.84 -1.96 1.41
CA PHE A 23 9.66 -1.09 1.33
C PHE A 23 9.38 -0.63 -0.08
N PHE A 24 10.17 -1.13 -1.01
CA PHE A 24 10.06 -0.81 -2.43
C PHE A 24 8.81 -1.47 -3.02
N PRO A 25 7.87 -0.69 -3.57
CA PRO A 25 6.57 -1.22 -4.01
C PRO A 25 6.61 -2.33 -5.08
N PRO A 26 7.57 -2.31 -6.03
CA PRO A 26 7.63 -3.46 -6.94
C PRO A 26 7.88 -4.82 -6.28
N LEU A 27 8.34 -4.84 -5.03
CA LEU A 27 8.47 -6.10 -4.29
C LEU A 27 7.09 -6.64 -3.94
N HIS A 28 6.21 -5.74 -3.53
CA HIS A 28 4.82 -6.06 -3.19
C HIS A 28 4.11 -6.67 -4.41
N GLN A 29 4.21 -5.98 -5.53
CA GLN A 29 3.61 -6.41 -6.79
C GLN A 29 4.18 -7.72 -7.33
N PHE A 30 5.50 -7.89 -7.17
CA PHE A 30 6.14 -9.13 -7.58
C PHE A 30 5.53 -10.33 -6.83
N CYS A 31 5.44 -10.23 -5.51
CA CYS A 31 4.93 -11.34 -4.71
C CYS A 31 3.49 -11.71 -5.06
N THR A 32 2.67 -10.72 -5.39
CA THR A 32 1.25 -10.98 -5.60
C THR A 32 0.91 -11.29 -7.06
N ASN A 33 1.90 -11.20 -7.94
CA ASN A 33 1.71 -11.56 -9.34
C ASN A 33 1.40 -13.04 -9.51
N PRO A 34 0.26 -13.39 -10.14
CA PRO A 34 -0.10 -14.81 -10.20
C PRO A 34 0.89 -15.68 -10.98
N LYS A 35 1.73 -15.07 -11.81
CA LYS A 35 2.73 -15.80 -12.57
C LYS A 35 3.87 -16.33 -11.67
N ASN A 36 4.02 -15.77 -10.49
CA ASN A 36 5.04 -16.21 -9.53
C ASN A 36 4.39 -17.06 -8.43
N PRO A 37 4.51 -18.39 -8.54
CA PRO A 37 3.89 -19.30 -7.56
C PRO A 37 4.44 -19.12 -6.15
N VAL A 38 5.71 -18.72 -6.09
CA VAL A 38 6.39 -18.51 -4.82
C VAL A 38 7.42 -17.41 -5.03
N THR A 39 7.64 -16.58 -4.00
CA THR A 39 8.75 -15.62 -4.04
C THR A 39 9.59 -15.83 -2.80
N VAL A 40 10.89 -16.01 -2.99
CA VAL A 40 11.80 -16.07 -1.84
C VAL A 40 12.46 -14.71 -1.68
N ILE A 41 12.25 -14.09 -0.53
CA ILE A 41 12.81 -12.78 -0.26
C ILE A 41 14.04 -12.98 0.60
N ARG A 42 15.19 -13.02 -0.05
CA ARG A 42 16.41 -13.35 0.66
C ARG A 42 16.96 -12.14 1.38
N GLY A 43 17.49 -12.37 2.58
CA GLY A 43 18.12 -11.33 3.37
C GLY A 43 17.14 -10.37 4.04
N LEU A 44 15.88 -10.80 4.12
CA LEU A 44 14.80 -9.96 4.61
C LEU A 44 15.02 -9.52 6.06
N ALA A 45 15.42 -10.44 6.93
CA ALA A 45 15.57 -10.10 8.34
C ALA A 45 16.72 -9.08 8.53
N GLY A 46 17.81 -9.32 7.82
CA GLY A 46 18.98 -8.47 7.84
C GLY A 46 18.70 -7.08 7.29
N ALA A 47 17.97 -7.02 6.18
CA ALA A 47 17.61 -5.74 5.59
C ALA A 47 16.78 -4.86 6.54
N LEU A 48 15.99 -5.50 7.41
CA LEU A 48 15.12 -4.77 8.34
C LEU A 48 15.69 -4.65 9.75
N LYS A 49 16.84 -5.29 9.96
CA LYS A 49 17.40 -5.50 11.30
C LYS A 49 16.35 -6.13 12.23
N LEU A 50 15.63 -7.12 11.70
CA LEU A 50 14.71 -7.91 12.51
C LEU A 50 15.50 -8.70 13.54
N ASP A 51 15.07 -8.69 14.80
CA ASP A 51 15.75 -9.48 15.81
C ASP A 51 15.15 -10.88 15.81
N LEU A 52 15.78 -11.78 15.05
CA LEU A 52 15.30 -13.16 14.98
C LEU A 52 15.50 -13.87 16.32
N GLY A 53 16.38 -13.32 17.15
CA GLY A 53 16.63 -13.83 18.49
C GLY A 53 15.39 -13.89 19.39
N LEU A 54 14.38 -13.06 19.10
CA LEU A 54 13.15 -13.02 19.88
C LEU A 54 12.36 -14.32 19.68
N PHE A 55 12.76 -15.09 18.67
CA PHE A 55 12.09 -16.31 18.30
C PHE A 55 13.01 -17.51 18.48
N SER A 56 14.18 -17.28 19.08
CA SER A 56 15.07 -18.41 19.37
C SER A 56 14.39 -19.30 20.40
N THR A 57 14.71 -20.58 20.36
CA THR A 57 14.20 -21.56 21.30
C THR A 57 14.47 -21.11 22.74
N LYS A 58 15.67 -20.62 23.01
CA LYS A 58 16.01 -20.11 24.35
C LYS A 58 15.07 -19.00 24.84
N THR A 59 14.77 -18.03 23.99
CA THR A 59 13.84 -16.96 24.37
C THR A 59 12.41 -17.50 24.57
N LEU A 60 12.00 -18.42 23.72
CA LEU A 60 10.63 -18.95 23.81
C LEU A 60 10.45 -19.70 25.13
N VAL A 61 11.45 -20.47 25.52
CA VAL A 61 11.43 -21.19 26.79
C VAL A 61 11.26 -20.23 27.97
N GLU A 62 12.06 -19.16 27.97
CA GLU A 62 12.00 -18.17 29.03
C GLU A 62 10.65 -17.45 29.03
N ALA A 63 10.03 -17.31 27.86
CA ALA A 63 8.80 -16.54 27.77
C ALA A 63 7.56 -17.29 28.23
N ASN A 64 7.40 -18.54 27.78
CA ASN A 64 6.18 -19.33 28.03
C ASN A 64 6.52 -20.80 27.98
N ASN A 65 7.25 -21.27 28.98
CA ASN A 65 7.86 -22.59 28.94
C ASN A 65 6.82 -23.72 28.93
N GLU A 66 5.62 -23.43 29.42
CA GLU A 66 4.54 -24.41 29.45
C GLU A 66 3.62 -24.32 28.23
N HIS A 67 4.02 -23.56 27.22
CA HIS A 67 3.14 -23.34 26.08
C HIS A 67 2.98 -24.62 25.28
N MET A 68 1.80 -24.84 24.69
CA MET A 68 1.52 -26.08 23.99
C MET A 68 2.18 -26.18 22.63
N VAL A 69 2.68 -27.37 22.34
CA VAL A 69 3.28 -27.71 21.06
C VAL A 69 2.61 -28.97 20.50
N GLU A 70 2.18 -28.94 19.24
CA GLU A 70 1.68 -30.16 18.61
C GLU A 70 2.86 -30.91 18.00
N VAL A 71 3.11 -32.11 18.53
CA VAL A 71 4.24 -32.91 18.07
C VAL A 71 3.82 -33.82 16.93
N ARG A 72 4.59 -33.82 15.84
CA ARG A 72 4.44 -34.84 14.83
C ARG A 72 5.66 -35.75 14.89
N THR A 73 5.43 -37.03 15.15
CA THR A 73 6.51 -38.00 15.13
C THR A 73 6.61 -38.61 13.75
N GLN A 74 7.80 -38.59 13.18
CA GLN A 74 7.99 -38.95 11.77
C GLN A 74 9.22 -39.83 11.57
N LEU A 75 9.34 -40.43 10.40
CA LEU A 75 10.56 -41.09 10.02
C LEU A 75 11.54 -40.10 9.39
N LEU A 76 12.81 -40.18 9.78
CA LEU A 76 13.86 -39.40 9.14
C LEU A 76 14.16 -39.99 7.77
N GLN A 77 13.67 -39.33 6.73
CA GLN A 77 13.74 -39.88 5.38
C GLN A 77 14.92 -39.26 4.65
N PRO A 78 15.49 -39.99 3.67
CA PRO A 78 16.66 -39.52 2.93
C PRO A 78 16.34 -38.47 1.87
N ALA A 79 17.11 -37.38 1.85
CA ALA A 79 16.99 -36.37 0.80
C ALA A 79 15.54 -35.92 0.53
N ASP A 80 15.12 -36.09 -0.71
CA ASP A 80 13.84 -35.60 -1.18
C ASP A 80 12.83 -36.72 -1.35
N GLU A 81 13.13 -37.87 -0.77
CA GLU A 81 12.36 -39.09 -1.00
C GLU A 81 11.46 -39.47 0.18
N ASN A 82 10.49 -40.34 -0.09
CA ASN A 82 9.67 -40.92 0.97
C ASN A 82 9.45 -42.40 0.72
N TRP A 83 10.08 -43.23 1.55
CA TRP A 83 10.02 -44.68 1.40
C TRP A 83 8.98 -45.28 2.33
N ASP A 84 8.37 -46.37 1.88
CA ASP A 84 7.55 -47.18 2.78
C ASP A 84 8.47 -47.65 3.90
N PRO A 85 7.93 -47.93 5.10
CA PRO A 85 8.79 -48.23 6.25
C PRO A 85 9.77 -49.39 6.01
N THR A 86 9.41 -50.34 5.15
CA THR A 86 10.25 -51.50 4.88
C THR A 86 11.41 -51.22 3.92
N GLY A 87 11.50 -49.98 3.42
CA GLY A 87 12.59 -49.58 2.55
C GLY A 87 12.52 -50.21 1.17
N THR A 88 11.32 -50.65 0.79
CA THR A 88 11.11 -51.40 -0.43
C THR A 88 10.77 -50.53 -1.64
N LYS A 89 9.89 -49.55 -1.43
CA LYS A 89 9.52 -48.66 -2.53
C LYS A 89 9.20 -47.24 -2.05
N LYS A 90 9.38 -46.27 -2.94
CA LYS A 90 8.97 -44.91 -2.64
C LYS A 90 7.45 -44.80 -2.77
N ILE A 91 6.81 -44.27 -1.73
CA ILE A 91 5.35 -44.09 -1.72
C ILE A 91 4.99 -42.66 -1.31
N TRP A 92 3.74 -42.26 -1.58
CA TRP A 92 3.28 -40.92 -1.26
C TRP A 92 2.88 -40.77 0.21
N ARG A 93 2.28 -41.80 0.78
CA ARG A 93 1.82 -41.74 2.17
C ARG A 93 2.99 -41.58 3.13
N CYS A 94 2.92 -40.62 4.03
N CYS A 94 2.87 -40.66 4.07
CA CYS A 94 3.97 -40.49 5.02
CA CYS A 94 3.95 -40.36 5.01
C CYS A 94 3.38 -40.61 6.41
C CYS A 94 3.46 -40.46 6.46
N GLU A 95 4.15 -41.27 7.27
CA GLU A 95 3.75 -41.52 8.65
C GLU A 95 4.06 -40.33 9.55
N SER A 96 3.03 -39.80 10.22
CA SER A 96 3.17 -38.56 10.97
C SER A 96 2.20 -38.54 12.17
N ASN A 97 2.51 -39.34 13.19
CA ASN A 97 1.67 -39.46 14.39
C ASN A 97 1.68 -38.22 15.27
N ARG A 98 0.53 -37.87 15.81
CA ARG A 98 0.36 -36.61 16.52
C ARG A 98 0.20 -36.80 18.03
N SER A 99 0.90 -35.96 18.78
CA SER A 99 0.71 -35.83 20.21
C SER A 99 0.95 -34.38 20.59
N HIS A 100 0.96 -34.10 21.89
CA HIS A 100 1.24 -32.76 22.38
C HIS A 100 2.41 -32.74 23.36
N THR A 101 3.09 -31.61 23.44
CA THR A 101 4.12 -31.39 24.46
C THR A 101 4.13 -29.90 24.81
N THR A 102 5.16 -29.45 25.52
CA THR A 102 5.36 -28.05 25.84
C THR A 102 6.63 -27.50 25.16
N ILE A 103 6.80 -26.18 25.15
CA ILE A 103 7.97 -25.57 24.54
C ILE A 103 9.21 -26.05 25.31
N ALA A 104 9.13 -26.05 26.63
CA ALA A 104 10.26 -26.47 27.45
C ALA A 104 10.69 -27.90 27.14
N LYS A 105 9.71 -28.79 26.97
CA LYS A 105 10.02 -30.18 26.69
C LYS A 105 10.52 -30.34 25.28
N TYR A 106 9.89 -29.67 24.32
CA TYR A 106 10.39 -29.81 22.96
C TYR A 106 11.80 -29.22 22.82
N ALA A 107 12.03 -28.09 23.48
CA ALA A 107 13.34 -27.40 23.46
C ALA A 107 14.47 -28.32 23.92
N GLN A 108 14.17 -29.08 24.97
CA GLN A 108 15.07 -30.05 25.54
C GLN A 108 15.46 -31.09 24.49
N TYR A 109 14.47 -31.59 23.77
CA TYR A 109 14.69 -32.55 22.68
C TYR A 109 15.45 -31.92 21.51
N GLN A 110 15.09 -30.68 21.18
CA GLN A 110 15.76 -30.01 20.09
C GLN A 110 17.25 -29.89 20.39
N ALA A 111 17.57 -29.46 21.61
CA ALA A 111 18.96 -29.28 22.02
C ALA A 111 19.72 -30.60 22.13
N SER A 112 19.11 -31.63 22.73
CA SER A 112 19.83 -32.89 22.92
C SER A 112 19.99 -33.63 21.60
N SER A 113 19.03 -33.44 20.70
CA SER A 113 19.13 -33.96 19.34
C SER A 113 20.40 -33.43 18.64
N PHE A 114 20.62 -32.12 18.77
CA PHE A 114 21.82 -31.51 18.19
C PHE A 114 23.10 -32.02 18.88
N GLN A 115 23.14 -32.01 20.21
CA GLN A 115 24.31 -32.52 20.94
C GLN A 115 24.62 -33.97 20.56
N GLU A 116 23.55 -34.77 20.40
CA GLU A 116 23.71 -36.17 20.06
C GLU A 116 24.27 -36.34 18.64
N SER A 117 23.81 -35.49 17.73
CA SER A 117 24.33 -35.47 16.36
C SER A 117 25.82 -35.07 16.32
N LEU A 118 26.24 -34.20 17.23
CA LEU A 118 27.63 -33.78 17.30
C LEU A 118 28.52 -34.96 17.74
N ARG A 119 28.03 -35.75 18.68
CA ARG A 119 28.77 -36.91 19.16
C ARG A 119 28.86 -38.00 18.11
N GLU A 120 27.80 -38.14 17.31
CA GLU A 120 27.80 -39.11 16.23
C GLU A 120 28.81 -38.73 15.17
N GLU A 121 28.89 -37.43 14.89
CA GLU A 121 29.83 -36.88 13.91
C GLU A 121 31.27 -37.10 14.38
N ASN A 122 31.43 -37.29 15.68
CA ASN A 122 32.73 -37.50 16.30
C ASN A 122 32.96 -38.94 16.75
N GLU A 123 32.01 -39.81 16.50
CA GLU A 123 32.21 -41.24 16.74
C GLU A 123 32.80 -41.85 15.49
N LYS A 124 32.85 -41.02 14.44
CA LYS A 124 33.42 -41.36 13.14
C LYS A 124 32.58 -42.43 12.44
N ARG A 125 33.17 -43.13 11.47
CA ARG A 125 32.45 -44.09 10.66
C ARG A 125 33.21 -45.42 10.57
N LYS A 147 16.70 -47.78 0.80
CA LYS A 147 16.32 -48.71 1.86
C LYS A 147 16.70 -48.13 3.22
N GLY A 148 15.99 -48.52 4.28
CA GLY A 148 16.27 -48.04 5.61
C GLY A 148 17.22 -48.95 6.38
N PRO A 149 16.86 -49.30 7.64
CA PRO A 149 15.69 -48.81 8.39
C PRO A 149 15.82 -47.36 8.85
N PHE A 150 14.71 -46.73 9.20
CA PHE A 150 14.70 -45.29 9.46
C PHE A 150 14.53 -44.91 10.93
N LYS A 151 15.29 -43.90 11.35
CA LYS A 151 15.15 -43.36 12.69
C LYS A 151 13.82 -42.59 12.81
N THR A 152 13.38 -42.35 14.03
CA THR A 152 12.21 -41.55 14.32
C THR A 152 12.62 -40.18 14.85
N ILE A 153 11.93 -39.14 14.39
CA ILE A 153 12.15 -37.79 14.90
C ILE A 153 10.84 -37.11 15.29
N LYS A 154 10.98 -36.02 16.05
CA LYS A 154 9.83 -35.25 16.47
C LYS A 154 9.91 -33.82 15.95
N PHE A 155 8.78 -33.34 15.43
CA PHE A 155 8.64 -32.02 14.84
C PHE A 155 7.64 -31.25 15.69
N GLY A 156 8.05 -30.10 16.22
CA GLY A 156 7.16 -29.25 16.98
C GLY A 156 6.43 -28.27 16.07
N THR A 157 5.12 -28.48 15.89
N THR A 157 5.13 -28.46 15.88
CA THR A 157 4.34 -27.69 14.94
CA THR A 157 4.41 -27.66 14.91
C THR A 157 3.27 -26.83 15.59
C THR A 157 3.15 -26.99 15.47
N ASN A 158 2.70 -25.94 14.77
CA ASN A 158 1.49 -25.17 15.13
C ASN A 158 1.48 -24.55 16.52
N ILE A 159 2.57 -23.90 16.91
CA ILE A 159 2.60 -23.31 18.23
C ILE A 159 1.91 -21.95 18.14
N ASP A 160 0.88 -21.78 18.97
CA ASP A 160 -0.03 -20.65 18.85
C ASP A 160 0.53 -19.39 19.50
N LEU A 161 0.87 -18.39 18.68
CA LEU A 161 1.43 -17.15 19.19
C LEU A 161 0.44 -15.98 19.06
N SER A 162 -0.84 -16.25 19.26
CA SER A 162 -1.88 -15.23 19.09
C SER A 162 -2.04 -14.30 20.31
N ASP A 163 -1.58 -14.74 21.47
CA ASP A 163 -1.82 -13.96 22.68
C ASP A 163 -0.78 -12.84 22.80
N ASN A 164 -1.22 -11.61 22.58
CA ASN A 164 -0.34 -10.44 22.61
C ASN A 164 0.27 -10.17 23.97
N LYS A 165 -0.40 -10.64 25.03
CA LYS A 165 0.14 -10.50 26.38
C LYS A 165 1.28 -11.48 26.62
N LYS A 166 1.21 -12.65 26.00
CA LYS A 166 2.27 -13.64 26.22
C LYS A 166 3.43 -13.44 25.26
N TRP A 167 3.18 -12.78 24.14
CA TRP A 167 4.18 -12.67 23.09
C TRP A 167 4.34 -11.24 22.59
N LYS A 168 4.29 -10.29 23.51
CA LYS A 168 4.27 -8.85 23.17
C LYS A 168 5.41 -8.47 22.24
N LEU A 169 6.63 -8.79 22.65
CA LEU A 169 7.82 -8.36 21.93
C LEU A 169 7.96 -9.10 20.60
N GLN A 170 7.61 -10.37 20.59
CA GLN A 170 7.61 -11.15 19.36
C GLN A 170 6.69 -10.53 18.32
N LEU A 171 5.45 -10.27 18.70
CA LEU A 171 4.46 -9.77 17.74
C LEU A 171 4.81 -8.35 17.30
N HIS A 172 5.34 -7.55 18.22
CA HIS A 172 5.75 -6.19 17.87
C HIS A 172 6.87 -6.19 16.83
N GLU A 173 7.77 -7.17 16.92
CA GLU A 173 8.90 -7.21 15.99
C GLU A 173 8.43 -7.37 14.55
N LEU A 174 7.32 -8.08 14.37
CA LEU A 174 6.80 -8.34 13.03
C LEU A 174 6.02 -7.17 12.46
N THR A 175 5.76 -6.14 13.26
CA THR A 175 5.14 -4.95 12.68
C THR A 175 6.18 -4.16 11.89
N LYS A 176 7.45 -4.56 12.00
CA LYS A 176 8.53 -3.93 11.25
C LYS A 176 8.55 -4.37 9.79
N LEU A 177 7.77 -5.38 9.46
CA LEU A 177 7.69 -5.86 8.07
C LEU A 177 7.00 -4.82 7.18
N PRO A 178 7.31 -4.83 5.86
CA PRO A 178 6.47 -4.04 4.96
C PRO A 178 5.01 -4.49 5.09
N ALA A 179 4.08 -3.56 4.89
CA ALA A 179 2.68 -3.75 5.26
C ALA A 179 2.04 -4.96 4.59
N PHE A 180 2.44 -5.23 3.35
CA PHE A 180 1.78 -6.28 2.59
C PHE A 180 2.03 -7.67 3.18
N ALA A 181 3.14 -7.83 3.91
CA ALA A 181 3.49 -9.12 4.51
C ALA A 181 3.11 -9.22 5.99
N ARG A 182 2.52 -8.17 6.55
CA ARG A 182 2.18 -8.17 7.98
C ARG A 182 0.97 -9.06 8.31
N VAL A 183 0.91 -9.54 9.55
CA VAL A 183 -0.24 -10.31 10.01
C VAL A 183 -1.52 -9.44 9.94
N VAL A 184 -1.37 -8.14 10.20
CA VAL A 184 -2.49 -7.20 10.14
C VAL A 184 -2.18 -6.04 9.19
N SER A 185 -3.06 -5.80 8.23
CA SER A 185 -2.92 -4.63 7.36
C SER A 185 -4.20 -4.30 6.62
N ALA A 186 -4.34 -3.02 6.27
CA ALA A 186 -5.52 -2.50 5.63
C ALA A 186 -5.86 -3.26 4.37
N GLY A 187 -4.84 -3.74 3.69
CA GLY A 187 -5.04 -4.48 2.45
C GLY A 187 -5.02 -6.00 2.58
N ASN A 188 -5.12 -6.49 3.81
CA ASN A 188 -5.16 -7.94 4.05
C ASN A 188 -6.63 -8.37 4.27
N LEU A 189 -7.18 -9.16 3.34
CA LEU A 189 -8.55 -9.67 3.47
C LEU A 189 -8.79 -10.34 4.83
N LEU A 190 -7.76 -11.00 5.36
CA LEU A 190 -7.88 -11.67 6.65
C LEU A 190 -7.99 -10.68 7.82
N THR A 191 -7.55 -9.44 7.58
CA THR A 191 -7.79 -8.36 8.53
C THR A 191 -9.26 -7.94 8.48
N HIS A 192 -9.86 -8.14 7.32
CA HIS A 192 -11.24 -7.69 7.07
C HIS A 192 -12.31 -8.71 7.40
N VAL A 193 -11.91 -9.94 7.73
CA VAL A 193 -12.83 -10.93 8.24
C VAL A 193 -13.52 -10.40 9.50
N GLY A 194 -12.77 -9.67 10.32
CA GLY A 194 -13.33 -9.00 11.48
C GLY A 194 -13.31 -9.81 12.76
N HIS A 195 -12.63 -10.94 12.73
CA HIS A 195 -12.41 -11.73 13.93
C HIS A 195 -11.22 -12.66 13.72
N THR A 196 -10.78 -13.30 14.81
CA THR A 196 -9.59 -14.13 14.80
C THR A 196 -9.81 -15.47 14.08
N ILE A 197 -8.96 -15.76 13.11
CA ILE A 197 -8.90 -17.10 12.54
C ILE A 197 -7.54 -17.69 12.89
N LEU A 198 -7.55 -18.54 13.91
CA LEU A 198 -6.33 -19.07 14.51
C LEU A 198 -5.36 -19.65 13.48
N GLY A 199 -4.11 -19.19 13.51
CA GLY A 199 -3.11 -19.71 12.59
C GLY A 199 -3.11 -19.02 11.24
N MET A 200 -4.16 -18.27 10.95
CA MET A 200 -4.24 -17.51 9.70
C MET A 200 -3.98 -16.03 9.92
N ASN A 201 -4.82 -15.35 10.68
CA ASN A 201 -4.48 -13.97 11.05
C ASN A 201 -3.85 -13.90 12.44
N THR A 202 -3.23 -15.01 12.84
CA THR A 202 -2.39 -15.07 14.03
C THR A 202 -1.17 -15.90 13.67
N VAL A 203 -0.05 -15.64 14.35
CA VAL A 203 1.23 -16.27 14.01
C VAL A 203 1.32 -17.68 14.58
N GLN A 204 1.80 -18.60 13.75
CA GLN A 204 2.16 -19.95 14.17
C GLN A 204 3.67 -20.12 14.24
N LEU A 205 4.15 -20.87 15.22
CA LEU A 205 5.57 -21.13 15.34
C LEU A 205 5.84 -22.63 15.18
N TYR A 206 6.97 -22.93 14.55
CA TYR A 206 7.43 -24.30 14.33
C TYR A 206 8.84 -24.45 14.88
N MET A 207 9.08 -25.53 15.62
CA MET A 207 10.39 -25.80 16.20
C MET A 207 10.87 -27.10 15.61
N LYS A 208 12.06 -27.11 15.02
CA LYS A 208 12.43 -28.23 14.18
C LYS A 208 13.79 -28.86 14.46
N VAL A 209 13.91 -30.12 14.03
CA VAL A 209 15.16 -30.86 13.99
C VAL A 209 15.27 -31.33 12.54
N PRO A 210 16.49 -31.71 12.10
CA PRO A 210 16.65 -32.18 10.72
C PRO A 210 15.70 -33.32 10.35
N GLY A 211 14.98 -33.14 9.25
CA GLY A 211 14.03 -34.13 8.78
C GLY A 211 12.59 -33.76 9.06
N SER A 212 12.37 -32.77 9.92
CA SER A 212 11.02 -32.31 10.23
C SER A 212 10.30 -31.90 8.96
N ARG A 213 9.20 -32.59 8.67
CA ARG A 213 8.53 -32.41 7.40
C ARG A 213 7.12 -31.87 7.56
N THR A 214 6.79 -30.91 6.70
CA THR A 214 5.43 -30.44 6.52
C THR A 214 4.94 -31.04 5.22
N PRO A 215 3.98 -31.99 5.29
CA PRO A 215 3.63 -32.69 4.05
C PRO A 215 2.87 -31.79 3.08
N GLY A 216 2.57 -32.33 1.89
CA GLY A 216 1.99 -31.56 0.81
C GLY A 216 0.64 -30.96 1.17
N HIS A 217 0.44 -29.72 0.77
CA HIS A 217 -0.82 -29.06 1.05
C HIS A 217 -0.95 -27.75 0.31
N GLN A 218 -2.18 -27.26 0.29
CA GLN A 218 -2.44 -25.89 -0.04
C GLN A 218 -2.85 -25.23 1.26
N GLU A 219 -2.73 -23.91 1.34
CA GLU A 219 -3.18 -23.17 2.51
C GLU A 219 -4.68 -23.25 2.65
N ASN A 220 -5.16 -23.02 3.86
CA ASN A 220 -6.60 -22.93 4.11
C ASN A 220 -7.23 -21.91 3.17
N ASN A 221 -8.27 -22.36 2.45
CA ASN A 221 -8.97 -21.54 1.48
C ASN A 221 -8.02 -20.82 0.50
N ASN A 222 -6.89 -21.45 0.20
CA ASN A 222 -5.92 -20.96 -0.78
C ASN A 222 -5.38 -19.55 -0.50
N PHE A 223 -5.31 -19.15 0.75
CA PHE A 223 -4.74 -17.82 1.04
C PHE A 223 -3.23 -17.91 0.99
N CYS A 224 -2.58 -16.78 0.71
CA CYS A 224 -1.14 -16.76 0.66
C CYS A 224 -0.55 -17.07 2.03
N SER A 225 0.70 -17.50 2.06
N SER A 225 0.70 -17.50 2.05
CA SER A 225 1.36 -17.76 3.34
CA SER A 225 1.38 -17.77 3.30
C SER A 225 2.73 -17.10 3.40
C SER A 225 2.70 -16.99 3.37
N VAL A 226 3.05 -16.55 4.57
CA VAL A 226 4.33 -15.89 4.79
C VAL A 226 5.09 -16.76 5.80
N ASN A 227 6.33 -17.12 5.48
CA ASN A 227 7.16 -17.93 6.39
C ASN A 227 8.54 -17.30 6.58
N ILE A 228 8.97 -17.09 7.83
CA ILE A 228 10.35 -16.67 8.07
C ILE A 228 11.13 -17.75 8.82
N ASN A 229 12.32 -18.05 8.32
CA ASN A 229 13.22 -18.99 8.99
C ASN A 229 14.04 -18.26 10.03
N ILE A 230 13.89 -18.68 11.28
CA ILE A 230 14.56 -18.06 12.42
C ILE A 230 16.01 -18.51 12.49
N GLY A 231 16.27 -19.70 11.93
CA GLY A 231 17.57 -20.34 12.02
C GLY A 231 17.75 -21.14 13.31
N PRO A 232 18.96 -21.62 13.55
CA PRO A 232 20.16 -21.28 12.77
C PRO A 232 20.31 -22.11 11.50
N GLY A 233 19.60 -23.23 11.39
CA GLY A 233 19.71 -24.06 10.20
C GLY A 233 18.76 -23.70 9.05
N ASP A 234 18.89 -24.42 7.95
CA ASP A 234 18.12 -24.16 6.73
C ASP A 234 16.88 -25.04 6.62
N CYS A 235 15.94 -24.59 5.78
CA CYS A 235 14.80 -25.40 5.34
C CYS A 235 14.89 -25.64 3.84
N GLU A 236 14.37 -26.76 3.38
CA GLU A 236 14.30 -27.02 1.95
C GLU A 236 12.85 -27.11 1.53
N TRP A 237 12.51 -26.35 0.49
CA TRP A 237 11.13 -26.18 0.08
C TRP A 237 10.89 -26.79 -1.28
N PHE A 238 9.68 -27.33 -1.46
CA PHE A 238 9.21 -27.91 -2.72
C PHE A 238 7.87 -27.26 -3.12
N VAL A 239 7.79 -26.78 -4.35
CA VAL A 239 6.67 -25.96 -4.75
C VAL A 239 6.17 -26.33 -6.14
N VAL A 240 4.85 -26.47 -6.26
CA VAL A 240 4.18 -26.77 -7.53
C VAL A 240 3.10 -25.69 -7.74
N PRO A 241 3.02 -25.11 -8.95
CA PRO A 241 2.02 -24.06 -9.19
C PRO A 241 0.58 -24.54 -8.95
N GLU A 242 -0.29 -23.59 -8.64
CA GLU A 242 -1.70 -23.87 -8.36
C GLU A 242 -2.37 -24.65 -9.48
N ASP A 243 -2.03 -24.35 -10.73
CA ASP A 243 -2.81 -24.92 -11.83
C ASP A 243 -2.45 -26.38 -12.10
N TYR A 244 -1.57 -26.95 -11.27
CA TYR A 244 -1.29 -28.39 -11.34
C TYR A 244 -1.86 -29.15 -10.15
N TRP A 245 -2.63 -28.48 -9.30
CA TRP A 245 -3.10 -29.13 -8.08
C TRP A 245 -4.04 -30.31 -8.36
N GLY A 246 -4.75 -30.26 -9.48
CA GLY A 246 -5.61 -31.35 -9.90
C GLY A 246 -4.81 -32.61 -10.17
N VAL A 247 -3.65 -32.46 -10.81
CA VAL A 247 -2.77 -33.58 -11.06
C VAL A 247 -2.36 -34.26 -9.75
N LEU A 248 -2.05 -33.45 -8.74
CA LEU A 248 -1.61 -34.02 -7.47
C LEU A 248 -2.79 -34.61 -6.72
N ASN A 249 -3.98 -34.05 -6.93
CA ASN A 249 -5.18 -34.62 -6.33
C ASN A 249 -5.47 -36.02 -6.88
N ASP A 250 -5.30 -36.20 -8.19
CA ASP A 250 -5.48 -37.51 -8.81
C ASP A 250 -4.47 -38.51 -8.25
N PHE A 251 -3.23 -38.07 -8.12
CA PHE A 251 -2.15 -38.90 -7.56
C PHE A 251 -2.54 -39.41 -6.18
N CYS A 252 -3.13 -38.51 -5.38
CA CYS A 252 -3.54 -38.89 -4.04
C CYS A 252 -4.66 -39.92 -4.13
N GLU A 253 -5.68 -39.59 -4.93
CA GLU A 253 -6.85 -40.44 -5.03
C GLU A 253 -6.52 -41.81 -5.59
N LYS A 254 -5.60 -41.86 -6.56
CA LYS A 254 -5.12 -43.12 -7.11
C LYS A 254 -4.24 -43.87 -6.10
N ASN A 255 -3.72 -43.14 -5.12
CA ASN A 255 -2.88 -43.73 -4.07
C ASN A 255 -3.64 -43.99 -2.79
N ASN A 256 -4.96 -43.93 -2.85
CA ASN A 256 -5.81 -44.09 -1.67
C ASN A 256 -5.49 -43.05 -0.58
N LEU A 257 -5.43 -41.78 -0.97
CA LEU A 257 -5.11 -40.70 -0.04
C LEU A 257 -6.06 -39.53 -0.24
N ASN A 258 -6.47 -38.90 0.85
CA ASN A 258 -7.22 -37.66 0.79
C ASN A 258 -6.26 -36.49 0.60
N PHE A 259 -6.34 -35.83 -0.55
CA PHE A 259 -5.48 -34.69 -0.86
C PHE A 259 -5.52 -33.62 0.25
N LEU A 260 -6.71 -33.38 0.79
CA LEU A 260 -6.95 -32.32 1.78
C LEU A 260 -6.66 -32.73 3.22
N MET A 261 -6.79 -34.01 3.51
CA MET A 261 -6.78 -34.46 4.92
C MET A 261 -5.68 -35.44 5.28
N SER A 262 -5.16 -36.16 4.29
CA SER A 262 -4.08 -37.13 4.53
C SER A 262 -2.69 -36.47 4.52
N SER A 263 -1.71 -37.16 5.08
CA SER A 263 -0.31 -36.72 5.02
C SER A 263 0.40 -37.40 3.85
N TRP A 264 0.84 -36.61 2.88
CA TRP A 264 1.51 -37.18 1.71
C TRP A 264 2.74 -36.38 1.30
N TRP A 265 3.72 -37.09 0.75
CA TRP A 265 4.99 -36.51 0.36
C TRP A 265 5.31 -36.98 -1.06
N PRO A 266 5.08 -36.10 -2.05
CA PRO A 266 5.17 -36.42 -3.48
C PRO A 266 6.45 -37.17 -3.89
N ASN A 267 6.29 -38.11 -4.81
CA ASN A 267 7.40 -38.78 -5.45
C ASN A 267 7.86 -37.92 -6.63
N LEU A 268 9.04 -37.32 -6.51
CA LEU A 268 9.48 -36.37 -7.52
C LEU A 268 9.58 -37.01 -8.89
N GLU A 269 9.86 -38.32 -8.92
CA GLU A 269 9.90 -39.05 -10.17
C GLU A 269 8.51 -39.27 -10.76
N ASP A 270 7.50 -39.47 -9.91
CA ASP A 270 6.11 -39.44 -10.37
C ASP A 270 5.75 -38.08 -10.99
N LEU A 271 6.11 -36.99 -10.31
CA LEU A 271 5.74 -35.67 -10.79
C LEU A 271 6.44 -35.36 -12.10
N TYR A 272 7.72 -35.73 -12.19
CA TYR A 272 8.51 -35.52 -13.39
C TYR A 272 7.91 -36.27 -14.56
N GLU A 273 7.50 -37.50 -14.31
CA GLU A 273 6.92 -38.33 -15.36
C GLU A 273 5.60 -37.76 -15.84
N ALA A 274 4.90 -37.04 -14.96
CA ALA A 274 3.61 -36.43 -15.28
C ALA A 274 3.75 -34.99 -15.80
N ASN A 275 5.00 -34.58 -16.04
CA ASN A 275 5.32 -33.25 -16.55
C ASN A 275 4.84 -32.10 -15.64
N VAL A 276 4.95 -32.32 -14.33
CA VAL A 276 4.63 -31.30 -13.35
C VAL A 276 5.91 -30.59 -12.92
N PRO A 277 5.98 -29.28 -13.16
CA PRO A 277 7.17 -28.52 -12.77
C PRO A 277 7.25 -28.40 -11.25
N VAL A 278 8.46 -28.53 -10.71
CA VAL A 278 8.69 -28.48 -9.28
C VAL A 278 9.76 -27.45 -8.98
N TYR A 279 9.36 -26.35 -8.34
CA TYR A 279 10.29 -25.37 -7.78
C TYR A 279 10.87 -25.94 -6.51
N ARG A 280 12.16 -25.76 -6.36
CA ARG A 280 12.91 -26.38 -5.28
C ARG A 280 13.99 -25.39 -4.83
N PHE A 281 14.07 -25.11 -3.54
CA PHE A 281 14.99 -24.08 -3.08
C PHE A 281 15.27 -24.22 -1.60
N ILE A 282 16.34 -23.53 -1.18
CA ILE A 282 16.74 -23.46 0.22
C ILE A 282 16.33 -22.13 0.82
N GLN A 283 15.71 -22.21 2.00
CA GLN A 283 15.37 -21.03 2.80
C GLN A 283 16.36 -20.92 3.97
N ARG A 284 17.17 -19.87 3.97
CA ARG A 284 18.18 -19.70 5.00
C ARG A 284 17.63 -18.81 6.11
N PRO A 285 18.30 -18.77 7.28
CA PRO A 285 17.77 -17.92 8.34
C PRO A 285 17.61 -16.48 7.88
N GLY A 286 16.44 -15.91 8.13
CA GLY A 286 16.15 -14.55 7.78
C GLY A 286 15.56 -14.40 6.41
N ASP A 287 15.57 -15.47 5.62
CA ASP A 287 14.85 -15.46 4.36
C ASP A 287 13.32 -15.58 4.59
N LEU A 288 12.53 -14.74 3.91
CA LEU A 288 11.07 -14.85 3.95
C LEU A 288 10.58 -15.54 2.70
N VAL A 289 9.73 -16.56 2.87
CA VAL A 289 9.14 -17.26 1.76
C VAL A 289 7.69 -16.83 1.62
N TRP A 290 7.34 -16.30 0.45
CA TRP A 290 5.95 -15.93 0.13
C TRP A 290 5.35 -17.03 -0.75
N ILE A 291 4.39 -17.78 -0.20
CA ILE A 291 3.67 -18.79 -0.99
C ILE A 291 2.43 -18.11 -1.57
N ASN A 292 2.37 -18.03 -2.88
CA ASN A 292 1.28 -17.31 -3.52
C ASN A 292 0.01 -18.13 -3.45
N ALA A 293 -1.11 -17.51 -3.81
CA ALA A 293 -2.42 -18.11 -3.60
C ALA A 293 -2.57 -19.47 -4.29
N GLY A 294 -2.93 -20.49 -3.50
CA GLY A 294 -3.20 -21.81 -4.03
C GLY A 294 -1.98 -22.65 -4.40
N THR A 295 -0.78 -22.10 -4.23
CA THR A 295 0.44 -22.82 -4.55
C THR A 295 0.64 -24.04 -3.65
N VAL A 296 0.84 -25.22 -4.26
CA VAL A 296 1.00 -26.46 -3.51
C VAL A 296 2.44 -26.59 -3.02
N HIS A 297 2.64 -26.97 -1.76
CA HIS A 297 4.01 -26.99 -1.24
C HIS A 297 4.19 -28.01 -0.12
N TRP A 298 5.43 -28.45 0.06
CA TRP A 298 5.85 -29.27 1.19
C TRP A 298 7.30 -28.87 1.59
N VAL A 299 7.65 -29.05 2.86
CA VAL A 299 8.89 -28.47 3.42
C VAL A 299 9.60 -29.44 4.36
N GLN A 300 10.93 -29.47 4.31
CA GLN A 300 11.69 -30.20 5.32
C GLN A 300 12.84 -29.37 5.91
N ALA A 301 13.08 -29.55 7.20
CA ALA A 301 14.22 -28.92 7.85
C ALA A 301 15.47 -29.67 7.44
N VAL A 302 16.49 -28.92 7.02
CA VAL A 302 17.78 -29.50 6.68
C VAL A 302 18.65 -29.51 7.94
N GLY A 303 18.59 -28.44 8.71
CA GLY A 303 19.26 -28.39 10.00
C GLY A 303 18.34 -28.22 11.19
N TRP A 304 18.85 -27.64 12.27
CA TRP A 304 18.05 -27.28 13.43
C TRP A 304 17.59 -25.82 13.30
N CYS A 305 16.29 -25.59 13.40
CA CYS A 305 15.76 -24.23 13.27
C CYS A 305 14.33 -24.06 13.79
N ASN A 306 13.93 -22.80 13.96
CA ASN A 306 12.52 -22.49 14.13
C ASN A 306 12.02 -21.73 12.90
N ASN A 307 10.70 -21.77 12.67
CA ASN A 307 10.09 -20.95 11.63
C ASN A 307 8.86 -20.26 12.22
N ILE A 308 8.50 -19.10 11.68
CA ILE A 308 7.22 -18.49 12.00
C ILE A 308 6.44 -18.28 10.72
N ALA A 309 5.11 -18.38 10.80
CA ALA A 309 4.31 -18.32 9.60
C ALA A 309 2.91 -17.83 9.88
N TRP A 310 2.27 -17.29 8.85
CA TRP A 310 0.87 -16.87 8.95
C TRP A 310 0.37 -16.69 7.55
N ASN A 311 -0.91 -16.38 7.40
CA ASN A 311 -1.44 -16.14 6.07
C ASN A 311 -1.75 -14.69 5.82
N VAL A 312 -1.91 -14.36 4.54
CA VAL A 312 -2.25 -13.02 4.08
C VAL A 312 -3.15 -13.18 2.86
N GLY A 313 -4.15 -12.31 2.71
CA GLY A 313 -5.01 -12.31 1.53
C GLY A 313 -4.98 -10.99 0.78
N PRO A 314 -4.13 -10.92 -0.27
CA PRO A 314 -4.02 -9.69 -1.04
C PRO A 314 -5.32 -9.40 -1.75
N LEU A 315 -5.67 -8.13 -1.88
CA LEU A 315 -6.87 -7.72 -2.58
C LEU A 315 -6.67 -7.82 -4.08
N THR A 316 -6.70 -9.05 -4.60
CA THR A 316 -6.63 -9.28 -6.03
C THR A 316 -7.72 -10.24 -6.46
N ALA A 317 -8.11 -10.16 -7.74
CA ALA A 317 -9.04 -11.12 -8.34
C ALA A 317 -8.56 -12.57 -8.19
N CYS A 318 -7.26 -12.78 -8.33
CA CYS A 318 -6.72 -14.13 -8.25
C CYS A 318 -6.91 -14.72 -6.85
N GLN A 319 -6.62 -13.94 -5.81
CA GLN A 319 -6.77 -14.41 -4.45
C GLN A 319 -8.24 -14.71 -4.10
N TYR A 320 -9.12 -13.78 -4.46
CA TYR A 320 -10.54 -13.93 -4.13
C TYR A 320 -11.11 -15.15 -4.85
N LYS A 321 -10.80 -15.26 -6.13
CA LYS A 321 -11.28 -16.37 -6.94
C LYS A 321 -10.83 -17.73 -6.37
N LEU A 322 -9.54 -17.88 -6.08
CA LEU A 322 -9.03 -19.15 -5.57
C LEU A 322 -9.59 -19.46 -4.17
N ALA A 323 -9.80 -18.41 -3.39
CA ALA A 323 -10.43 -18.55 -2.06
C ALA A 323 -11.87 -19.03 -2.17
N VAL A 324 -12.62 -18.40 -3.05
CA VAL A 324 -14.00 -18.82 -3.29
C VAL A 324 -14.03 -20.26 -3.78
N GLU A 325 -13.17 -20.58 -4.74
CA GLU A 325 -13.17 -21.93 -5.32
C GLU A 325 -12.88 -23.02 -4.29
N ARG A 326 -11.90 -22.77 -3.41
CA ARG A 326 -11.55 -23.78 -2.42
C ARG A 326 -12.67 -23.89 -1.39
N TYR A 327 -13.26 -22.75 -1.05
CA TYR A 327 -14.42 -22.69 -0.16
C TYR A 327 -15.55 -23.60 -0.62
N GLU A 328 -15.81 -23.58 -1.93
CA GLU A 328 -16.88 -24.40 -2.52
C GLU A 328 -16.45 -25.86 -2.63
N TRP A 329 -15.18 -26.07 -2.94
CA TRP A 329 -14.64 -27.42 -3.05
C TRP A 329 -14.68 -28.12 -1.69
N ASN A 330 -14.41 -27.37 -0.62
CA ASN A 330 -14.44 -27.92 0.72
C ASN A 330 -15.82 -28.48 1.09
N LYS A 331 -16.88 -27.79 0.66
CA LYS A 331 -18.26 -28.27 0.88
C LYS A 331 -18.48 -29.64 0.26
N LEU A 332 -18.03 -29.81 -0.98
CA LEU A 332 -18.13 -31.09 -1.66
C LEU A 332 -17.35 -32.22 -0.95
N LYS A 333 -16.23 -31.86 -0.32
CA LYS A 333 -15.35 -32.83 0.30
C LYS A 333 -15.64 -32.99 1.79
N SER A 334 -16.72 -32.35 2.23
CA SER A 334 -17.13 -32.36 3.64
C SER A 334 -16.01 -31.89 4.55
N VAL A 335 -15.34 -30.80 4.16
CA VAL A 335 -14.27 -30.21 4.97
C VAL A 335 -14.62 -28.77 5.36
N LYS A 336 -14.39 -28.41 6.62
CA LYS A 336 -14.67 -27.06 7.05
C LYS A 336 -13.70 -26.03 6.44
N SER A 337 -14.23 -24.90 6.01
CA SER A 337 -13.46 -23.71 5.63
C SER A 337 -13.19 -22.80 6.83
N PRO A 338 -11.91 -22.63 7.20
CA PRO A 338 -11.57 -21.72 8.30
C PRO A 338 -11.91 -20.26 7.96
N VAL A 339 -11.91 -19.92 6.68
CA VAL A 339 -12.29 -18.57 6.27
C VAL A 339 -13.76 -18.54 5.81
N PRO A 340 -14.61 -17.80 6.51
CA PRO A 340 -16.02 -17.70 6.13
C PRO A 340 -16.21 -16.76 4.94
N MET A 341 -16.22 -17.30 3.73
CA MET A 341 -16.15 -16.43 2.55
C MET A 341 -17.42 -15.62 2.34
N VAL A 342 -18.54 -16.05 2.91
CA VAL A 342 -19.76 -15.23 2.83
C VAL A 342 -19.61 -14.01 3.73
N HIS A 343 -19.27 -14.26 4.99
CA HIS A 343 -19.02 -13.19 5.95
C HIS A 343 -18.02 -12.17 5.41
N LEU A 344 -16.94 -12.68 4.80
CA LEU A 344 -15.87 -11.85 4.28
C LEU A 344 -16.37 -10.99 3.13
N SER A 345 -17.13 -11.60 2.22
CA SER A 345 -17.61 -10.90 1.05
C SER A 345 -18.48 -9.67 1.42
N TRP A 346 -19.36 -9.83 2.40
CA TRP A 346 -20.18 -8.70 2.85
C TRP A 346 -19.32 -7.62 3.52
N ASN A 347 -18.33 -8.05 4.30
CA ASN A 347 -17.40 -7.08 4.88
C ASN A 347 -16.60 -6.31 3.82
N MET A 348 -16.18 -6.98 2.76
CA MET A 348 -15.51 -6.31 1.65
C MET A 348 -16.42 -5.25 1.01
N ALA A 349 -17.67 -5.64 0.75
CA ALA A 349 -18.62 -4.75 0.13
C ALA A 349 -18.98 -3.59 1.02
N ARG A 350 -18.96 -3.82 2.34
CA ARG A 350 -19.30 -2.76 3.28
C ARG A 350 -18.16 -1.76 3.42
N ASN A 351 -16.92 -2.25 3.40
CA ASN A 351 -15.81 -1.46 3.92
C ASN A 351 -14.62 -1.24 3.00
N ILE A 352 -14.60 -1.91 1.85
CA ILE A 352 -13.41 -1.80 0.99
C ILE A 352 -13.77 -1.23 -0.37
N LYS A 353 -13.09 -0.13 -0.74
CA LYS A 353 -13.27 0.43 -2.07
C LYS A 353 -12.48 -0.44 -3.04
N VAL A 354 -13.18 -0.94 -4.04
CA VAL A 354 -12.60 -1.92 -4.96
C VAL A 354 -12.51 -1.31 -6.34
N SER A 355 -11.27 -1.14 -6.81
CA SER A 355 -11.03 -0.47 -8.08
C SER A 355 -10.60 -1.41 -9.20
N ASP A 356 -10.36 -2.68 -8.88
CA ASP A 356 -10.09 -3.64 -9.95
C ASP A 356 -11.40 -4.18 -10.50
N PRO A 357 -11.66 -3.93 -11.80
CA PRO A 357 -12.88 -4.32 -12.50
C PRO A 357 -13.16 -5.82 -12.38
N LYS A 358 -12.12 -6.63 -12.50
CA LYS A 358 -12.27 -8.09 -12.43
C LYS A 358 -12.64 -8.51 -11.02
N LEU A 359 -11.88 -8.03 -10.04
CA LEU A 359 -12.14 -8.35 -8.64
C LEU A 359 -13.54 -7.88 -8.23
N PHE A 360 -13.87 -6.65 -8.61
CA PHE A 360 -15.17 -6.10 -8.32
C PHE A 360 -16.30 -7.00 -8.85
N GLU A 361 -16.21 -7.45 -10.09
CA GLU A 361 -17.31 -8.22 -10.67
C GLU A 361 -17.43 -9.60 -10.01
N MET A 362 -16.30 -10.14 -9.55
CA MET A 362 -16.34 -11.41 -8.82
C MET A 362 -17.14 -11.28 -7.52
N ILE A 363 -16.80 -10.26 -6.72
CA ILE A 363 -17.49 -10.00 -5.44
C ILE A 363 -18.96 -9.70 -5.64
N LYS A 364 -19.25 -8.84 -6.61
CA LYS A 364 -20.63 -8.47 -6.91
C LYS A 364 -21.46 -9.69 -7.30
N TYR A 365 -20.88 -10.55 -8.14
CA TYR A 365 -21.50 -11.81 -8.54
C TYR A 365 -21.84 -12.68 -7.33
N CYS A 366 -20.86 -12.84 -6.44
CA CYS A 366 -21.03 -13.67 -5.27
C CYS A 366 -22.11 -13.14 -4.34
N LEU A 367 -22.09 -11.83 -4.09
CA LEU A 367 -23.10 -11.25 -3.21
C LEU A 367 -24.51 -11.42 -3.78
N LEU A 368 -24.64 -11.27 -5.09
CA LEU A 368 -25.92 -11.41 -5.76
C LEU A 368 -26.44 -12.83 -5.61
N LYS A 369 -25.54 -13.80 -5.66
CA LYS A 369 -25.91 -15.19 -5.46
C LYS A 369 -26.33 -15.48 -4.03
N ILE A 370 -25.56 -14.98 -3.07
CA ILE A 370 -25.94 -15.07 -1.65
C ILE A 370 -27.32 -14.47 -1.47
N LEU A 371 -27.48 -13.26 -1.99
CA LEU A 371 -28.71 -12.49 -1.83
C LEU A 371 -29.90 -13.25 -2.36
N LYS A 372 -29.78 -13.79 -3.58
CA LYS A 372 -30.90 -14.50 -4.19
C LYS A 372 -31.22 -15.83 -3.50
N GLN A 373 -30.18 -16.57 -3.09
CA GLN A 373 -30.38 -17.82 -2.36
C GLN A 373 -31.10 -17.55 -1.04
N TYR A 374 -30.67 -16.50 -0.36
CA TYR A 374 -31.28 -16.06 0.89
C TYR A 374 -32.76 -15.68 0.72
N GLN A 375 -33.05 -14.90 -0.31
CA GLN A 375 -34.42 -14.50 -0.65
C GLN A 375 -35.29 -15.71 -0.96
N THR A 376 -34.73 -16.69 -1.67
CA THR A 376 -35.47 -17.90 -2.01
C THR A 376 -35.84 -18.71 -0.76
N LEU A 377 -34.86 -18.89 0.12
CA LEU A 377 -35.05 -19.64 1.37
C LEU A 377 -36.07 -18.93 2.27
N ARG A 378 -35.85 -17.62 2.47
CA ARG A 378 -36.72 -16.82 3.33
C ARG A 378 -38.18 -16.90 2.88
N GLU A 379 -38.41 -16.72 1.58
CA GLU A 379 -39.76 -16.81 1.01
C GLU A 379 -40.38 -18.20 1.14
N ALA A 380 -39.55 -19.24 1.06
CA ALA A 380 -40.07 -20.60 1.19
C ALA A 380 -40.54 -20.83 2.61
N LEU A 381 -39.78 -20.31 3.55
CA LEU A 381 -40.15 -20.38 4.96
C LEU A 381 -41.45 -19.62 5.21
N VAL A 382 -41.50 -18.36 4.78
CA VAL A 382 -42.66 -17.52 5.01
C VAL A 382 -43.92 -18.15 4.40
N ALA A 383 -43.76 -18.74 3.21
CA ALA A 383 -44.88 -19.30 2.48
C ALA A 383 -45.36 -20.60 3.10
N ALA A 384 -44.48 -21.25 3.86
CA ALA A 384 -44.84 -22.48 4.57
C ALA A 384 -45.35 -22.17 5.97
N GLY A 385 -45.55 -20.88 6.27
CA GLY A 385 -46.08 -20.49 7.57
C GLY A 385 -45.08 -20.59 8.71
N LYS A 386 -43.79 -20.70 8.38
CA LYS A 386 -42.73 -20.69 9.38
C LYS A 386 -42.35 -19.25 9.72
N GLU A 387 -42.29 -18.92 11.01
CA GLU A 387 -42.00 -17.55 11.40
C GLU A 387 -40.51 -17.25 11.38
N VAL A 388 -40.15 -16.08 10.85
CA VAL A 388 -38.77 -15.63 10.89
C VAL A 388 -38.62 -14.66 12.06
N ILE A 389 -37.78 -15.01 13.01
CA ILE A 389 -37.65 -14.20 14.22
C ILE A 389 -36.47 -13.23 14.15
N TRP A 390 -36.74 -11.94 14.34
CA TRP A 390 -35.66 -10.95 14.31
C TRP A 390 -34.75 -11.18 15.52
N HIS A 391 -33.47 -11.37 15.24
CA HIS A 391 -32.49 -11.75 16.25
C HIS A 391 -31.36 -10.73 16.32
N GLY A 392 -31.23 -9.97 15.23
CA GLY A 392 -30.16 -8.98 15.09
C GLY A 392 -28.79 -9.59 15.23
N ARG A 393 -27.81 -8.74 15.54
CA ARG A 393 -26.45 -9.20 15.67
C ARG A 393 -25.62 -8.27 16.55
N THR A 394 -24.60 -8.85 17.19
CA THR A 394 -23.57 -8.09 17.88
C THR A 394 -22.46 -7.75 16.90
N ASN A 395 -22.04 -6.49 16.87
CA ASN A 395 -20.96 -6.10 15.96
C ASN A 395 -19.67 -6.81 16.29
N ASP A 396 -18.92 -7.16 15.24
CA ASP A 396 -17.68 -7.93 15.32
C ASP A 396 -17.92 -9.36 15.83
N GLU A 397 -19.19 -9.78 15.86
CA GLU A 397 -19.49 -11.19 16.14
C GLU A 397 -19.00 -12.03 14.96
N PRO A 398 -18.31 -13.13 15.26
CA PRO A 398 -17.75 -14.00 14.23
C PRO A 398 -18.83 -14.60 13.34
N ALA A 399 -18.41 -15.12 12.19
CA ALA A 399 -19.32 -15.83 11.33
C ALA A 399 -19.77 -17.11 12.05
N HIS A 400 -20.90 -17.66 11.63
CA HIS A 400 -21.37 -18.89 12.25
C HIS A 400 -21.17 -20.08 11.32
N TYR A 401 -21.00 -21.25 11.90
CA TYR A 401 -20.97 -22.50 11.15
C TYR A 401 -21.98 -23.50 11.74
N CYS A 402 -22.43 -24.45 10.92
CA CYS A 402 -23.40 -25.44 11.32
C CYS A 402 -22.81 -26.46 12.31
N SER A 403 -23.43 -26.58 13.50
CA SER A 403 -22.89 -27.46 14.52
C SER A 403 -22.76 -28.91 14.06
N ILE A 404 -23.47 -29.27 13.00
CA ILE A 404 -23.42 -30.64 12.51
C ILE A 404 -22.47 -30.83 11.33
N CYS A 405 -22.68 -30.07 10.25
CA CYS A 405 -21.94 -30.31 9.01
C CYS A 405 -20.80 -29.31 8.82
N GLU A 406 -20.77 -28.32 9.70
CA GLU A 406 -19.73 -27.30 9.76
C GLU A 406 -19.66 -26.36 8.55
N VAL A 407 -20.70 -26.34 7.71
CA VAL A 407 -20.80 -25.35 6.64
C VAL A 407 -20.96 -23.97 7.28
N GLU A 408 -20.50 -22.91 6.60
CA GLU A 408 -20.83 -21.55 7.05
C GLU A 408 -22.34 -21.32 6.94
N VAL A 409 -22.91 -20.66 7.93
CA VAL A 409 -24.34 -20.32 7.90
C VAL A 409 -24.49 -18.81 8.04
N PHE A 410 -25.12 -18.17 7.06
CA PHE A 410 -25.24 -16.71 7.05
C PHE A 410 -26.67 -16.21 7.14
N ASN A 411 -26.87 -15.29 8.08
CA ASN A 411 -28.10 -14.54 8.31
C ASN A 411 -29.25 -15.36 8.91
N LEU A 412 -29.78 -16.31 8.17
CA LEU A 412 -30.85 -17.16 8.73
C LEU A 412 -30.21 -18.32 9.48
N LEU A 413 -30.36 -18.29 10.81
CA LEU A 413 -29.82 -19.36 11.64
C LEU A 413 -30.94 -20.28 12.13
N PHE A 414 -30.68 -21.58 12.12
CA PHE A 414 -31.68 -22.56 12.56
C PHE A 414 -31.26 -23.15 13.91
N VAL A 415 -32.03 -22.81 14.92
CA VAL A 415 -31.77 -23.12 16.32
C VAL A 415 -32.93 -23.93 16.90
N THR A 416 -32.66 -24.99 17.65
CA THR A 416 -33.75 -25.80 18.22
C THR A 416 -34.61 -24.97 19.18
N ASN A 417 -35.87 -25.36 19.35
CA ASN A 417 -36.74 -24.69 20.31
C ASN A 417 -36.11 -24.56 21.68
N GLU A 418 -35.40 -25.60 22.08
CA GLU A 418 -34.82 -25.67 23.41
C GLU A 418 -33.54 -24.83 23.50
N SER A 419 -32.70 -24.88 22.47
CA SER A 419 -31.46 -24.08 22.44
C SER A 419 -31.83 -22.60 22.42
N ASN A 420 -32.95 -22.28 21.75
CA ASN A 420 -33.49 -20.94 21.73
C ASN A 420 -33.93 -20.49 23.12
N THR A 421 -34.78 -21.30 23.75
CA THR A 421 -35.30 -20.99 25.09
C THR A 421 -34.15 -20.84 26.09
N GLN A 422 -33.18 -21.74 26.00
CA GLN A 422 -32.00 -21.68 26.86
C GLN A 422 -31.04 -20.57 26.43
N LYS A 423 -31.32 -19.95 25.29
CA LYS A 423 -30.51 -18.88 24.73
C LYS A 423 -29.06 -19.30 24.54
N THR A 424 -28.87 -20.57 24.16
CA THR A 424 -27.55 -21.07 23.79
C THR A 424 -27.33 -20.89 22.29
N TYR A 425 -28.43 -20.80 21.54
CA TYR A 425 -28.41 -20.45 20.13
C TYR A 425 -27.43 -21.29 19.30
N ILE A 426 -27.46 -22.60 19.53
CA ILE A 426 -26.62 -23.53 18.77
C ILE A 426 -27.04 -23.60 17.29
N VAL A 427 -26.23 -23.00 16.44
CA VAL A 427 -26.60 -22.79 15.03
C VAL A 427 -26.61 -24.07 14.22
N HIS A 428 -27.63 -24.18 13.37
CA HIS A 428 -27.69 -25.22 12.35
C HIS A 428 -27.93 -24.54 11.03
N CYS A 429 -27.48 -25.16 9.95
CA CYS A 429 -27.89 -24.76 8.62
C CYS A 429 -29.27 -25.35 8.32
N HIS A 430 -29.87 -24.92 7.21
CA HIS A 430 -31.21 -25.34 6.84
C HIS A 430 -31.32 -26.83 6.58
N ASP A 431 -30.35 -27.38 5.84
CA ASP A 431 -30.39 -28.78 5.42
C ASP A 431 -30.33 -29.71 6.61
N CYS A 432 -29.46 -29.38 7.56
CA CYS A 432 -29.28 -30.20 8.75
C CYS A 432 -30.45 -30.10 9.71
N ALA A 433 -31.02 -28.91 9.84
CA ALA A 433 -32.23 -28.73 10.64
C ALA A 433 -33.38 -29.51 9.99
N ARG A 434 -33.47 -29.45 8.67
N ARG A 434 -33.47 -29.46 8.67
CA ARG A 434 -34.53 -30.12 7.92
CA ARG A 434 -34.54 -30.12 7.94
C ARG A 434 -34.41 -31.64 8.07
C ARG A 434 -34.42 -31.64 8.01
N LYS A 435 -33.20 -32.16 7.92
CA LYS A 435 -32.95 -33.60 8.05
C LYS A 435 -33.35 -34.13 9.42
N THR A 436 -33.14 -33.32 10.44
CA THR A 436 -33.54 -33.60 11.81
C THR A 436 -35.07 -33.57 11.99
N SER A 437 -35.66 -32.47 11.53
CA SER A 437 -37.02 -32.09 11.84
C SER A 437 -37.72 -31.73 10.53
N LYS A 438 -38.53 -32.66 10.03
CA LYS A 438 -39.10 -32.60 8.68
C LYS A 438 -39.81 -31.29 8.32
N SER A 439 -40.56 -30.73 9.26
CA SER A 439 -41.32 -29.51 8.98
C SER A 439 -40.74 -28.35 9.77
N LEU A 440 -39.48 -28.51 10.17
CA LEU A 440 -38.81 -27.57 11.05
C LEU A 440 -39.59 -27.30 12.32
N GLU A 441 -40.39 -28.28 12.77
CA GLU A 441 -41.22 -28.05 13.93
C GLU A 441 -40.40 -28.00 15.22
N ASN A 442 -39.17 -28.51 15.18
CA ASN A 442 -38.29 -28.45 16.35
C ASN A 442 -37.36 -27.24 16.34
N PHE A 443 -37.50 -26.38 15.32
CA PHE A 443 -36.58 -25.27 15.16
C PHE A 443 -37.26 -23.90 15.09
N VAL A 444 -36.54 -22.88 15.52
CA VAL A 444 -36.90 -21.49 15.23
C VAL A 444 -35.93 -20.94 14.19
N VAL A 445 -36.38 -19.98 13.40
CA VAL A 445 -35.55 -19.36 12.37
C VAL A 445 -35.15 -17.95 12.82
N LEU A 446 -33.85 -17.77 13.08
CA LEU A 446 -33.34 -16.49 13.54
C LEU A 446 -32.74 -15.70 12.37
N GLU A 447 -33.16 -14.45 12.23
CA GLU A 447 -32.67 -13.57 11.17
C GLU A 447 -31.74 -12.51 11.76
N GLN A 448 -30.49 -12.49 11.32
CA GLN A 448 -29.49 -11.57 11.85
C GLN A 448 -29.40 -10.25 11.08
N TYR A 449 -29.84 -10.27 9.83
CA TYR A 449 -29.80 -9.08 9.00
C TYR A 449 -31.12 -8.86 8.28
N LYS A 450 -31.65 -7.65 8.35
CA LYS A 450 -32.81 -7.31 7.57
C LYS A 450 -32.43 -7.35 6.09
N MET A 451 -33.37 -7.79 5.26
CA MET A 451 -33.10 -7.87 3.84
C MET A 451 -32.81 -6.51 3.22
N GLU A 452 -33.53 -5.47 3.64
CA GLU A 452 -33.39 -4.14 3.04
C GLU A 452 -31.97 -3.64 3.22
N ASP A 453 -31.40 -3.96 4.38
CA ASP A 453 -30.05 -3.55 4.72
C ASP A 453 -29.00 -4.25 3.84
N LEU A 454 -29.21 -5.54 3.56
CA LEU A 454 -28.31 -6.29 2.68
C LEU A 454 -28.44 -5.82 1.23
N ILE A 455 -29.67 -5.58 0.80
CA ILE A 455 -29.91 -5.03 -0.53
C ILE A 455 -29.20 -3.69 -0.68
N GLN A 456 -29.24 -2.89 0.39
CA GLN A 456 -28.59 -1.58 0.38
C GLN A 456 -27.07 -1.72 0.25
N VAL A 457 -26.48 -2.60 1.06
CA VAL A 457 -25.04 -2.84 0.97
C VAL A 457 -24.66 -3.25 -0.45
N TYR A 458 -25.44 -4.15 -1.04
CA TYR A 458 -25.19 -4.61 -2.40
C TYR A 458 -25.30 -3.46 -3.40
N ASP A 459 -26.38 -2.67 -3.29
CA ASP A 459 -26.58 -1.58 -4.24
C ASP A 459 -25.53 -0.49 -4.14
N GLN A 460 -25.10 -0.18 -2.92
CA GLN A 460 -24.09 0.85 -2.72
C GLN A 460 -22.68 0.41 -3.08
N PHE A 461 -22.51 -0.88 -3.36
CA PHE A 461 -21.19 -1.44 -3.69
C PHE A 461 -20.94 -1.23 -5.19
N THR A 462 -20.18 -0.19 -5.54
CA THR A 462 -19.88 0.08 -6.94
C THR A 462 -18.38 0.15 -7.18
N LEU A 463 -17.99 0.06 -8.45
CA LEU A 463 -16.58 0.09 -8.84
C LEU A 463 -15.98 1.47 -8.57
N ALA A 464 -14.99 1.54 -7.68
CA ALA A 464 -14.23 2.76 -7.47
C ALA A 464 -13.24 3.02 -8.62
N LEU A 465 -13.01 4.28 -8.95
CA LEU A 465 -12.02 4.62 -9.96
C LEU A 465 -10.61 4.72 -9.37
N SER A 466 -9.70 3.92 -9.91
CA SER A 466 -8.29 4.12 -9.67
C SER A 466 -7.55 4.27 -10.99
N LEU A 467 -6.62 5.22 -11.03
CA LEU A 467 -5.83 5.47 -12.21
C LEU A 467 -4.59 4.57 -12.27
N SER A 468 -4.34 3.84 -11.18
CA SER A 468 -3.15 2.98 -11.10
C SER A 468 -3.22 1.83 -12.10
N ASP B 5 31.38 8.55 0.98
CA ASP B 5 30.30 7.77 1.58
C ASP B 5 29.03 7.82 0.74
N LYS B 6 28.53 6.66 0.37
CA LYS B 6 27.38 6.58 -0.52
C LYS B 6 26.11 7.06 0.19
N LEU B 7 26.20 7.25 1.51
CA LEU B 7 25.11 7.81 2.29
C LEU B 7 25.19 9.34 2.37
N ASN B 8 26.33 9.88 1.95
N ASN B 8 26.33 9.87 1.95
CA ASN B 8 26.49 11.33 1.87
CA ASN B 8 26.55 11.32 1.86
C ASN B 8 27.00 11.72 0.48
C ASN B 8 27.04 11.67 0.46
N PRO B 9 26.17 11.49 -0.55
CA PRO B 9 26.61 11.62 -1.94
C PRO B 9 26.70 13.06 -2.42
N PRO B 10 27.52 13.31 -3.46
CA PRO B 10 27.65 14.64 -4.04
C PRO B 10 26.31 15.11 -4.60
N THR B 11 26.09 16.41 -4.63
CA THR B 11 24.88 16.95 -5.22
C THR B 11 25.08 17.11 -6.71
N PRO B 12 24.15 16.55 -7.51
CA PRO B 12 24.20 16.78 -8.95
C PRO B 12 24.17 18.27 -9.21
N SER B 13 25.21 18.77 -9.86
CA SER B 13 25.39 20.20 -10.01
C SER B 13 25.68 20.59 -11.43
N ILE B 14 25.24 21.78 -11.77
CA ILE B 14 25.55 22.37 -13.05
C ILE B 14 26.16 23.73 -12.76
N TYR B 15 27.29 24.02 -13.40
CA TYR B 15 28.05 25.24 -13.14
C TYR B 15 27.93 26.18 -14.33
N LEU B 16 27.14 27.24 -14.18
CA LEU B 16 26.91 28.15 -15.30
C LEU B 16 27.85 29.34 -15.22
N GLU B 17 28.22 29.88 -16.38
CA GLU B 17 29.15 31.00 -16.44
C GLU B 17 28.61 32.13 -17.32
N ASN B 18 27.81 31.76 -18.32
CA ASN B 18 27.23 32.72 -19.27
C ASN B 18 25.83 32.32 -19.71
N LYS B 19 25.12 33.23 -20.35
CA LYS B 19 23.72 33.01 -20.70
C LYS B 19 23.53 31.84 -21.67
N ARG B 20 24.48 31.66 -22.59
CA ARG B 20 24.40 30.58 -23.57
C ARG B 20 24.30 29.24 -22.85
N ASP B 21 25.03 29.12 -21.74
CA ASP B 21 25.02 27.91 -20.92
C ASP B 21 23.63 27.51 -20.45
N ALA B 22 22.83 28.50 -20.01
CA ALA B 22 21.54 28.24 -19.38
C ALA B 22 20.51 27.65 -20.33
N PHE B 23 20.77 27.74 -21.63
CA PHE B 23 19.81 27.24 -22.61
C PHE B 23 20.34 26.02 -23.35
N PHE B 24 21.46 25.50 -22.86
CA PHE B 24 22.02 24.22 -23.27
C PHE B 24 20.98 23.11 -23.08
N PRO B 25 20.53 22.46 -24.16
CA PRO B 25 19.53 21.38 -24.05
C PRO B 25 19.91 20.20 -23.12
N PRO B 26 21.20 19.83 -23.00
CA PRO B 26 21.52 18.85 -21.95
C PRO B 26 21.12 19.28 -20.54
N LEU B 27 21.05 20.58 -20.29
CA LEU B 27 20.60 21.11 -19.01
C LEU B 27 19.22 20.55 -18.65
N HIS B 28 18.26 20.77 -19.55
CA HIS B 28 16.90 20.27 -19.41
C HIS B 28 16.84 18.73 -19.20
N GLN B 29 17.65 17.99 -19.95
CA GLN B 29 17.67 16.54 -19.86
C GLN B 29 18.36 16.04 -18.58
N PHE B 30 19.29 16.84 -18.06
CA PHE B 30 19.99 16.52 -16.82
C PHE B 30 19.03 16.68 -15.64
N CYS B 31 18.29 17.79 -15.65
CA CYS B 31 17.37 18.10 -14.57
C CYS B 31 16.25 17.07 -14.46
N THR B 32 15.69 16.63 -15.59
CA THR B 32 14.56 15.70 -15.59
C THR B 32 14.96 14.22 -15.51
N ASN B 33 16.25 13.92 -15.57
CA ASN B 33 16.76 12.56 -15.43
C ASN B 33 16.45 11.97 -14.06
N PRO B 34 15.65 10.88 -14.03
CA PRO B 34 15.19 10.27 -12.77
C PRO B 34 16.33 9.90 -11.83
N LYS B 35 17.54 9.75 -12.37
CA LYS B 35 18.71 9.36 -11.58
C LYS B 35 19.27 10.51 -10.73
N ASN B 36 18.95 11.73 -11.12
CA ASN B 36 19.30 12.89 -10.30
C ASN B 36 18.07 13.36 -9.51
N PRO B 37 18.03 13.04 -8.21
CA PRO B 37 16.89 13.39 -7.33
C PRO B 37 16.75 14.90 -7.14
N VAL B 38 17.85 15.63 -7.34
CA VAL B 38 17.88 17.08 -7.23
C VAL B 38 19.03 17.60 -8.12
N THR B 39 18.85 18.78 -8.70
CA THR B 39 19.92 19.44 -9.44
C THR B 39 20.11 20.87 -8.97
N VAL B 40 21.34 21.27 -8.65
CA VAL B 40 21.55 22.66 -8.29
C VAL B 40 22.26 23.36 -9.44
N ILE B 41 21.59 24.37 -9.99
CA ILE B 41 22.17 25.15 -11.07
C ILE B 41 22.84 26.38 -10.47
N ARG B 42 24.16 26.28 -10.32
CA ARG B 42 24.96 27.33 -9.71
C ARG B 42 25.08 28.54 -10.64
N GLY B 43 24.96 29.73 -10.07
CA GLY B 43 25.12 30.98 -10.80
C GLY B 43 24.06 31.26 -11.85
N LEU B 44 22.88 30.67 -11.66
CA LEU B 44 21.82 30.76 -12.66
C LEU B 44 21.35 32.19 -12.91
N ALA B 45 21.07 32.92 -11.84
CA ALA B 45 20.51 34.27 -11.98
C ALA B 45 21.53 35.22 -12.60
N GLY B 46 22.79 35.08 -12.18
CA GLY B 46 23.88 35.89 -12.71
C GLY B 46 24.08 35.67 -14.19
N ALA B 47 24.13 34.40 -14.61
CA ALA B 47 24.35 34.06 -16.01
C ALA B 47 23.20 34.53 -16.91
N LEU B 48 22.01 34.69 -16.34
CA LEU B 48 20.86 35.16 -17.10
C LEU B 48 20.67 36.67 -16.96
N LYS B 49 21.47 37.28 -16.09
CA LYS B 49 21.27 38.66 -15.67
C LYS B 49 19.82 38.85 -15.19
N LEU B 50 19.39 37.95 -14.31
CA LEU B 50 18.11 38.08 -13.62
C LEU B 50 18.22 39.13 -12.53
N ASP B 51 17.27 40.06 -12.46
CA ASP B 51 17.33 41.09 -11.42
C ASP B 51 16.66 40.61 -10.14
N LEU B 52 17.47 40.05 -9.25
CA LEU B 52 16.98 39.50 -7.99
C LEU B 52 16.46 40.59 -7.06
N GLY B 53 16.86 41.82 -7.33
CA GLY B 53 16.42 42.95 -6.53
C GLY B 53 14.92 43.16 -6.64
N LEU B 54 14.33 42.69 -7.74
CA LEU B 54 12.89 42.80 -7.92
C LEU B 54 12.15 41.98 -6.86
N PHE B 55 12.87 41.10 -6.17
CA PHE B 55 12.27 40.27 -5.12
C PHE B 55 12.87 40.58 -3.77
N SER B 56 13.65 41.67 -3.66
CA SER B 56 14.21 42.04 -2.36
C SER B 56 13.08 42.49 -1.44
N THR B 57 13.29 42.38 -0.14
CA THR B 57 12.29 42.74 0.85
C THR B 57 11.88 44.22 0.68
N LYS B 58 12.86 45.07 0.35
CA LYS B 58 12.62 46.49 0.09
C LYS B 58 11.66 46.69 -1.05
N THR B 59 11.95 46.03 -2.17
CA THR B 59 11.11 46.15 -3.35
C THR B 59 9.70 45.60 -3.09
N LEU B 60 9.60 44.48 -2.36
CA LEU B 60 8.30 43.85 -2.11
C LEU B 60 7.35 44.76 -1.31
N VAL B 61 7.89 45.30 -0.21
CA VAL B 61 7.15 46.23 0.64
C VAL B 61 6.65 47.45 -0.13
N GLU B 62 7.50 48.02 -0.98
CA GLU B 62 7.06 49.12 -1.83
C GLU B 62 5.94 48.69 -2.78
N ALA B 63 6.01 47.46 -3.28
CA ALA B 63 5.03 47.02 -4.28
C ALA B 63 3.66 46.70 -3.67
N ASN B 64 3.65 45.91 -2.61
CA ASN B 64 2.40 45.45 -2.01
C ASN B 64 2.56 45.27 -0.52
N ASN B 65 2.62 46.38 0.22
CA ASN B 65 3.00 46.32 1.63
C ASN B 65 2.00 45.57 2.52
N GLU B 66 0.74 45.50 2.10
CA GLU B 66 -0.28 44.84 2.91
C GLU B 66 -0.51 43.38 2.54
N HIS B 67 0.31 42.84 1.65
CA HIS B 67 0.08 41.51 1.08
C HIS B 67 0.17 40.47 2.18
N MET B 68 -0.67 39.44 2.11
CA MET B 68 -0.69 38.45 3.18
C MET B 68 0.55 37.57 3.21
N VAL B 69 1.04 37.34 4.41
CA VAL B 69 2.15 36.43 4.67
C VAL B 69 1.68 35.37 5.66
N GLU B 70 1.85 34.09 5.34
CA GLU B 70 1.60 33.03 6.30
C GLU B 70 2.83 32.82 7.18
N VAL B 71 2.68 33.09 8.47
CA VAL B 71 3.78 32.95 9.42
C VAL B 71 3.82 31.57 10.07
N ARG B 72 4.99 30.95 10.03
CA ARG B 72 5.26 29.80 10.89
C ARG B 72 6.15 30.28 12.03
N THR B 73 5.67 30.09 13.24
CA THR B 73 6.49 30.40 14.41
C THR B 73 7.17 29.12 14.87
N GLN B 74 8.50 29.15 14.92
CA GLN B 74 9.31 27.97 15.13
C GLN B 74 10.34 28.17 16.23
N LEU B 75 10.97 27.08 16.65
CA LEU B 75 12.12 27.17 17.53
C LEU B 75 13.40 27.24 16.70
N LEU B 76 14.35 28.05 17.15
CA LEU B 76 15.67 28.07 16.52
C LEU B 76 16.45 26.82 16.93
N GLN B 77 16.59 25.87 16.02
CA GLN B 77 17.27 24.61 16.33
C GLN B 77 18.75 24.64 15.92
N PRO B 78 19.59 23.91 16.65
CA PRO B 78 21.03 23.83 16.38
C PRO B 78 21.39 23.08 15.09
N ALA B 79 22.13 23.75 14.21
CA ALA B 79 22.66 23.18 12.96
C ALA B 79 21.62 22.36 12.20
N ASP B 80 21.82 21.05 12.10
CA ASP B 80 20.95 20.18 11.31
C ASP B 80 20.01 19.30 12.15
N GLU B 81 19.85 19.64 13.43
CA GLU B 81 19.12 18.81 14.39
C GLU B 81 17.76 19.39 14.74
N ASN B 82 16.94 18.55 15.37
CA ASN B 82 15.68 18.98 15.94
C ASN B 82 15.51 18.34 17.31
N TRP B 83 15.26 19.17 18.31
CA TRP B 83 15.12 18.71 19.68
C TRP B 83 13.70 18.92 20.18
N ASP B 84 13.24 18.05 21.08
CA ASP B 84 11.99 18.28 21.80
C ASP B 84 12.15 19.62 22.53
N PRO B 85 11.05 20.34 22.78
CA PRO B 85 11.09 21.67 23.41
C PRO B 85 12.04 21.77 24.61
N THR B 86 12.06 20.74 25.45
CA THR B 86 12.86 20.73 26.67
C THR B 86 14.34 20.45 26.42
N GLY B 87 14.72 20.26 25.15
CA GLY B 87 16.11 19.99 24.80
C GLY B 87 16.69 18.71 25.39
N THR B 88 15.85 17.72 25.63
CA THR B 88 16.27 16.46 26.24
C THR B 88 16.75 15.45 25.19
N LYS B 89 16.00 15.31 24.11
CA LYS B 89 16.35 14.34 23.08
C LYS B 89 16.04 14.84 21.68
N LYS B 90 16.67 14.22 20.68
CA LYS B 90 16.38 14.53 19.29
C LYS B 90 15.16 13.71 18.80
N ILE B 91 14.13 14.41 18.36
CA ILE B 91 12.94 13.80 17.78
C ILE B 91 12.66 14.41 16.41
N TRP B 92 11.74 13.81 15.67
CA TRP B 92 11.40 14.29 14.32
C TRP B 92 10.31 15.35 14.35
N ARG B 93 9.34 15.19 15.24
CA ARG B 93 8.22 16.13 15.34
C ARG B 93 8.73 17.52 15.66
N CYS B 94 8.32 18.52 14.89
CA CYS B 94 8.76 19.87 15.23
C CYS B 94 7.61 20.86 15.39
N GLU B 95 7.76 21.76 16.35
CA GLU B 95 6.71 22.73 16.69
C GLU B 95 6.63 23.84 15.65
N SER B 96 5.43 24.13 15.14
CA SER B 96 5.29 25.15 14.10
C SER B 96 3.86 25.75 14.11
N ASN B 97 3.59 26.70 15.01
CA ASN B 97 2.29 27.40 15.06
C ASN B 97 2.08 28.35 13.87
N ARG B 98 0.87 28.34 13.33
CA ARG B 98 0.56 29.15 12.15
C ARG B 98 -0.16 30.46 12.50
N SER B 99 0.14 31.52 11.75
CA SER B 99 -0.57 32.78 11.87
C SER B 99 -0.42 33.56 10.56
N HIS B 100 -0.89 34.80 10.56
CA HIS B 100 -0.82 35.65 9.37
C HIS B 100 -0.21 37.00 9.72
N THR B 101 0.52 37.58 8.79
CA THR B 101 0.97 38.95 8.94
C THR B 101 0.95 39.56 7.56
N THR B 102 1.53 40.75 7.41
CA THR B 102 1.64 41.38 6.10
C THR B 102 3.12 41.45 5.73
N ILE B 103 3.41 41.74 4.47
CA ILE B 103 4.80 41.86 3.99
C ILE B 103 5.54 42.96 4.75
N ALA B 104 4.88 44.10 4.95
CA ALA B 104 5.49 45.23 5.66
C ALA B 104 5.79 44.85 7.09
N LYS B 105 4.91 44.08 7.71
CA LYS B 105 5.11 43.71 9.11
C LYS B 105 6.18 42.64 9.24
N TYR B 106 6.22 41.69 8.31
CA TYR B 106 7.27 40.70 8.39
C TYR B 106 8.63 41.38 8.07
N ALA B 107 8.62 42.26 7.07
CA ALA B 107 9.83 43.00 6.67
C ALA B 107 10.50 43.68 7.86
N GLN B 108 9.70 44.37 8.66
CA GLN B 108 10.16 44.99 9.90
C GLN B 108 10.86 43.98 10.80
N TYR B 109 10.31 42.77 10.88
CA TYR B 109 10.91 41.73 11.70
C TYR B 109 12.19 41.15 11.09
N GLN B 110 12.20 40.94 9.78
CA GLN B 110 13.38 40.46 9.09
C GLN B 110 14.55 41.42 9.35
N ALA B 111 14.26 42.72 9.23
CA ALA B 111 15.28 43.77 9.39
C ALA B 111 15.78 43.89 10.83
N SER B 112 14.87 43.92 11.81
CA SER B 112 15.31 44.10 13.20
C SER B 112 16.05 42.86 13.73
N SER B 113 15.63 41.69 13.26
CA SER B 113 16.33 40.43 13.54
C SER B 113 17.84 40.54 13.22
N PHE B 114 18.12 41.01 12.02
CA PHE B 114 19.49 41.26 11.56
C PHE B 114 20.22 42.28 12.45
N GLN B 115 19.60 43.43 12.68
CA GLN B 115 20.17 44.47 13.54
C GLN B 115 20.49 43.93 14.92
N GLU B 116 19.58 43.13 15.45
CA GLU B 116 19.76 42.54 16.77
C GLU B 116 20.97 41.58 16.84
N SER B 117 21.18 40.76 15.82
CA SER B 117 22.34 39.87 15.83
C SER B 117 23.63 40.63 15.52
N LEU B 118 23.52 41.74 14.79
CA LEU B 118 24.68 42.63 14.58
C LEU B 118 25.18 43.16 15.92
N ARG B 119 24.24 43.60 16.75
CA ARG B 119 24.60 44.10 18.07
C ARG B 119 25.15 42.99 18.96
N GLU B 120 24.58 41.80 18.86
CA GLU B 120 25.09 40.66 19.63
C GLU B 120 26.51 40.32 19.20
N GLU B 121 26.72 40.23 17.89
CA GLU B 121 28.02 39.91 17.32
C GLU B 121 29.08 40.90 17.82
N ASN B 122 28.64 42.12 18.10
CA ASN B 122 29.54 43.18 18.49
C ASN B 122 29.69 43.40 19.99
N GLU B 123 28.88 42.70 20.80
CA GLU B 123 28.94 42.83 22.26
C GLU B 123 28.97 41.47 22.96
N PRO B 149 17.22 26.29 26.56
CA PRO B 149 16.41 27.47 26.26
C PRO B 149 16.47 27.84 24.78
N PHE B 150 15.45 27.48 24.00
CA PHE B 150 15.46 27.75 22.56
C PHE B 150 14.88 29.12 22.26
N LYS B 151 15.48 29.81 21.29
CA LYS B 151 14.96 31.09 20.83
C LYS B 151 13.78 30.83 19.89
N THR B 152 12.85 31.77 19.84
CA THR B 152 11.72 31.69 18.93
C THR B 152 11.98 32.53 17.68
N ILE B 153 11.71 31.98 16.51
CA ILE B 153 11.81 32.72 15.26
C ILE B 153 10.54 32.66 14.41
N LYS B 154 10.43 33.57 13.46
CA LYS B 154 9.27 33.61 12.60
C LYS B 154 9.67 33.52 11.13
N PHE B 155 8.96 32.64 10.42
CA PHE B 155 9.26 32.30 9.03
C PHE B 155 8.08 32.77 8.16
N GLY B 156 8.34 33.64 7.20
CA GLY B 156 7.30 34.11 6.28
C GLY B 156 7.15 33.19 5.09
N THR B 157 6.02 32.51 4.99
N THR B 157 6.02 32.51 4.98
CA THR B 157 5.85 31.45 4.00
CA THR B 157 5.89 31.46 3.98
C THR B 157 4.69 31.69 3.06
C THR B 157 4.68 31.64 3.08
N ASN B 158 4.71 30.94 1.95
CA ASN B 158 3.58 30.86 1.02
C ASN B 158 2.97 32.18 0.64
N ILE B 159 3.82 33.15 0.32
CA ILE B 159 3.32 34.45 -0.10
C ILE B 159 2.89 34.35 -1.55
N ASP B 160 1.61 34.65 -1.79
CA ASP B 160 0.99 34.46 -3.10
C ASP B 160 1.37 35.56 -4.10
N LEU B 161 2.17 35.19 -5.09
CA LEU B 161 2.52 36.09 -6.19
C LEU B 161 1.78 35.79 -7.49
N SER B 162 0.54 35.30 -7.41
CA SER B 162 -0.21 34.97 -8.63
C SER B 162 -0.71 36.17 -9.44
N ASP B 163 -0.96 37.30 -8.78
CA ASP B 163 -1.65 38.42 -9.41
C ASP B 163 -0.68 39.22 -10.27
N ASN B 164 -0.80 39.07 -11.59
CA ASN B 164 0.08 39.76 -12.54
C ASN B 164 -0.04 41.28 -12.50
N LYS B 165 -1.19 41.78 -12.04
CA LYS B 165 -1.37 43.23 -11.89
C LYS B 165 -0.53 43.76 -10.72
N LYS B 166 -0.44 42.99 -9.64
CA LYS B 166 0.34 43.40 -8.46
C LYS B 166 1.84 43.09 -8.55
N TRP B 167 2.21 42.16 -9.43
CA TRP B 167 3.59 41.68 -9.50
C TRP B 167 4.10 41.61 -10.94
N LYS B 168 3.71 42.59 -11.75
CA LYS B 168 3.95 42.56 -13.20
C LYS B 168 5.42 42.38 -13.56
N LEU B 169 6.28 43.20 -12.95
CA LEU B 169 7.71 43.19 -13.26
C LEU B 169 8.40 41.95 -12.67
N GLN B 170 7.93 41.50 -11.52
CA GLN B 170 8.47 40.29 -10.90
C GLN B 170 8.22 39.10 -11.82
N LEU B 171 6.98 38.96 -12.27
CA LEU B 171 6.62 37.81 -13.08
C LEU B 171 7.28 37.84 -14.46
N HIS B 172 7.48 39.05 -14.98
CA HIS B 172 8.13 39.20 -16.28
C HIS B 172 9.56 38.70 -16.26
N GLU B 173 10.26 39.00 -15.17
CA GLU B 173 11.63 38.64 -14.99
C GLU B 173 11.84 37.13 -15.09
N LEU B 174 10.84 36.36 -14.66
CA LEU B 174 10.96 34.90 -14.63
C LEU B 174 10.70 34.30 -16.01
N THR B 175 10.21 35.13 -16.94
CA THR B 175 10.06 34.70 -18.33
C THR B 175 11.42 34.57 -19.00
N LYS B 176 12.43 35.13 -18.34
CA LYS B 176 13.80 35.06 -18.84
C LYS B 176 14.40 33.70 -18.60
N LEU B 177 13.67 32.84 -17.90
CA LEU B 177 14.16 31.50 -17.59
C LEU B 177 14.06 30.58 -18.80
N PRO B 178 14.93 29.56 -18.86
CA PRO B 178 14.76 28.53 -19.89
C PRO B 178 13.36 27.91 -19.76
N ALA B 179 12.75 27.54 -20.89
CA ALA B 179 11.36 27.14 -20.93
C ALA B 179 11.01 26.02 -19.96
N PHE B 180 11.94 25.09 -19.76
CA PHE B 180 11.63 23.92 -18.95
C PHE B 180 11.48 24.30 -17.47
N ALA B 181 11.99 25.46 -17.08
CA ALA B 181 11.88 25.86 -15.69
C ALA B 181 10.83 26.96 -15.45
N ARG B 182 10.14 27.37 -16.50
CA ARG B 182 9.21 28.49 -16.40
C ARG B 182 7.93 28.07 -15.68
N VAL B 183 7.29 29.02 -15.00
CA VAL B 183 5.98 28.79 -14.37
C VAL B 183 4.95 28.42 -15.44
N VAL B 184 5.10 29.02 -16.62
CA VAL B 184 4.21 28.75 -17.72
C VAL B 184 5.00 28.30 -18.93
N SER B 185 4.73 27.08 -19.41
CA SER B 185 5.32 26.59 -20.65
C SER B 185 4.50 25.46 -21.25
N ALA B 186 4.66 25.25 -22.55
CA ALA B 186 3.88 24.24 -23.26
C ALA B 186 4.35 22.83 -22.90
N GLY B 187 5.54 22.74 -22.31
CA GLY B 187 6.09 21.46 -21.87
C GLY B 187 5.86 21.21 -20.39
N ASN B 188 4.97 21.99 -19.80
CA ASN B 188 4.69 21.90 -18.38
C ASN B 188 3.25 21.38 -18.19
N LEU B 189 3.14 20.19 -17.60
CA LEU B 189 1.81 19.60 -17.37
C LEU B 189 0.90 20.53 -16.59
N LEU B 190 1.46 21.32 -15.68
CA LEU B 190 0.63 22.21 -14.89
C LEU B 190 0.06 23.36 -15.72
N THR B 191 0.68 23.65 -16.86
CA THR B 191 0.14 24.64 -17.78
C THR B 191 -1.07 24.05 -18.52
N HIS B 192 -1.06 22.75 -18.73
CA HIS B 192 -2.14 22.09 -19.45
C HIS B 192 -3.33 21.78 -18.54
N VAL B 193 -3.20 22.05 -17.25
CA VAL B 193 -4.32 21.89 -16.35
C VAL B 193 -5.47 22.82 -16.78
N GLY B 194 -5.11 23.99 -17.30
CA GLY B 194 -6.09 24.91 -17.85
C GLY B 194 -6.74 25.83 -16.83
N HIS B 195 -6.32 25.73 -15.58
CA HIS B 195 -6.78 26.67 -14.58
C HIS B 195 -5.73 26.78 -13.48
N THR B 196 -5.90 27.79 -12.63
CA THR B 196 -4.96 28.07 -11.57
C THR B 196 -4.94 27.02 -10.47
N ILE B 197 -3.74 26.57 -10.11
CA ILE B 197 -3.51 25.79 -8.89
C ILE B 197 -2.53 26.58 -8.07
N LEU B 198 -3.07 27.27 -7.06
CA LEU B 198 -2.28 28.25 -6.32
C LEU B 198 -1.04 27.60 -5.70
N GLY B 199 0.11 28.21 -5.92
CA GLY B 199 1.35 27.69 -5.37
C GLY B 199 2.02 26.67 -6.25
N MET B 200 1.31 26.14 -7.25
CA MET B 200 1.91 25.17 -8.13
C MET B 200 2.19 25.79 -9.51
N ASN B 201 1.14 26.24 -10.20
CA ASN B 201 1.39 26.99 -11.43
C ASN B 201 1.31 28.50 -11.21
N THR B 202 1.53 28.93 -9.97
CA THR B 202 1.76 30.35 -9.68
C THR B 202 2.90 30.42 -8.67
N VAL B 203 3.56 31.58 -8.60
CA VAL B 203 4.76 31.73 -7.79
C VAL B 203 4.45 31.96 -6.32
N GLN B 204 5.22 31.27 -5.48
CA GLN B 204 5.21 31.51 -4.05
C GLN B 204 6.52 32.14 -3.58
N LEU B 205 6.41 33.08 -2.65
CA LEU B 205 7.59 33.72 -2.11
C LEU B 205 7.71 33.35 -0.64
N TYR B 206 8.94 33.26 -0.18
CA TYR B 206 9.26 33.00 1.22
C TYR B 206 10.17 34.11 1.73
N MET B 207 9.99 34.55 2.97
CA MET B 207 10.86 35.59 3.54
C MET B 207 11.41 35.01 4.82
N LYS B 208 12.73 34.99 4.93
CA LYS B 208 13.34 34.19 5.99
C LYS B 208 14.28 34.94 6.91
N VAL B 209 14.38 34.42 8.12
CA VAL B 209 15.46 34.74 9.06
C VAL B 209 16.24 33.43 9.31
N PRO B 210 17.50 33.53 9.80
CA PRO B 210 18.27 32.30 10.04
C PRO B 210 17.47 31.30 10.85
N GLY B 211 17.49 30.03 10.47
CA GLY B 211 16.74 29.01 11.18
C GLY B 211 15.33 28.75 10.64
N SER B 212 14.87 29.55 9.68
CA SER B 212 13.54 29.35 9.07
C SER B 212 13.47 28.02 8.33
N ARG B 213 12.63 27.11 8.83
CA ARG B 213 12.64 25.74 8.32
C ARG B 213 11.39 25.30 7.58
N THR B 214 11.61 24.73 6.41
CA THR B 214 10.59 24.00 5.70
C THR B 214 10.77 22.52 6.02
N PRO B 215 9.82 21.94 6.77
CA PRO B 215 9.95 20.54 7.20
C PRO B 215 9.84 19.53 6.06
N GLY B 216 10.04 18.25 6.39
CA GLY B 216 10.14 17.24 5.37
C GLY B 216 8.88 17.09 4.57
N HIS B 217 9.02 17.01 3.26
CA HIS B 217 7.87 16.78 2.42
C HIS B 217 8.25 16.33 1.02
N GLN B 218 7.24 15.82 0.32
CA GLN B 218 7.27 15.75 -1.13
C GLN B 218 6.34 16.80 -1.69
N GLU B 219 6.56 17.19 -2.94
CA GLU B 219 5.65 18.13 -3.61
C GLU B 219 4.25 17.55 -3.75
N ASN B 220 3.26 18.44 -3.87
CA ASN B 220 1.88 18.05 -4.18
C ASN B 220 1.86 17.20 -5.42
N ASN B 221 1.22 16.04 -5.32
CA ASN B 221 1.17 15.04 -6.39
C ASN B 221 2.54 14.78 -7.07
N ASN B 222 3.61 14.92 -6.28
CA ASN B 222 4.97 14.59 -6.69
C ASN B 222 5.47 15.31 -7.93
N PHE B 223 4.97 16.52 -8.19
CA PHE B 223 5.47 17.33 -9.30
C PHE B 223 6.82 17.92 -8.96
N CYS B 224 7.60 18.26 -9.97
CA CYS B 224 8.90 18.87 -9.72
C CYS B 224 8.73 20.25 -9.11
N SER B 225 9.78 20.73 -8.44
CA SER B 225 9.76 22.04 -7.83
C SER B 225 10.97 22.84 -8.33
N VAL B 226 10.78 24.14 -8.46
CA VAL B 226 11.85 25.07 -8.85
C VAL B 226 12.00 26.12 -7.77
N ASN B 227 13.22 26.33 -7.30
CA ASN B 227 13.45 27.28 -6.22
C ASN B 227 14.68 28.15 -6.51
N ILE B 228 14.51 29.46 -6.43
CA ILE B 228 15.63 30.40 -6.61
C ILE B 228 15.85 31.14 -5.31
N ASN B 229 17.07 31.13 -4.82
CA ASN B 229 17.39 31.92 -3.63
C ASN B 229 17.69 33.38 -4.05
N ILE B 230 16.98 34.32 -3.44
CA ILE B 230 17.11 35.75 -3.79
C ILE B 230 18.28 36.39 -3.06
N GLY B 231 18.66 35.80 -1.93
CA GLY B 231 19.68 36.31 -1.06
C GLY B 231 19.12 37.35 -0.08
N PRO B 232 20.00 38.03 0.66
CA PRO B 232 21.48 37.96 0.60
C PRO B 232 22.12 36.71 1.22
N GLY B 233 21.42 36.03 2.12
CA GLY B 233 21.97 34.86 2.77
C GLY B 233 21.76 33.53 2.05
N ASP B 234 22.27 32.47 2.65
CA ASP B 234 22.23 31.14 2.05
C ASP B 234 21.11 30.30 2.68
N CYS B 235 20.71 29.27 1.94
CA CYS B 235 19.83 28.21 2.44
C CYS B 235 20.55 26.87 2.39
N GLU B 236 20.23 26.01 3.34
CA GLU B 236 20.79 24.67 3.36
C GLU B 236 19.68 23.66 3.06
N TRP B 237 19.96 22.79 2.09
CA TRP B 237 19.01 21.80 1.64
C TRP B 237 19.42 20.39 2.04
N PHE B 238 18.41 19.57 2.35
CA PHE B 238 18.59 18.15 2.64
C PHE B 238 17.62 17.37 1.74
N VAL B 239 18.14 16.39 1.00
CA VAL B 239 17.38 15.72 -0.04
C VAL B 239 17.53 14.19 0.03
N VAL B 240 16.41 13.48 -0.14
CA VAL B 240 16.39 12.02 -0.17
C VAL B 240 15.69 11.57 -1.45
N PRO B 241 16.27 10.60 -2.18
CA PRO B 241 15.63 10.21 -3.45
C PRO B 241 14.25 9.59 -3.24
N GLU B 242 13.45 9.65 -4.31
CA GLU B 242 12.05 9.24 -4.27
C GLU B 242 11.92 7.78 -3.83
N ASP B 243 12.84 6.91 -4.25
CA ASP B 243 12.59 5.50 -3.99
C ASP B 243 12.81 5.13 -2.52
N TYR B 244 13.21 6.10 -1.70
CA TYR B 244 13.30 5.89 -0.25
C TYR B 244 12.13 6.44 0.57
N TRP B 245 11.12 7.00 -0.08
CA TRP B 245 10.12 7.70 0.73
C TRP B 245 9.38 6.72 1.64
N GLY B 246 9.26 5.47 1.20
CA GLY B 246 8.60 4.46 2.01
C GLY B 246 9.28 4.24 3.35
N VAL B 247 10.61 4.37 3.35
CA VAL B 247 11.39 4.25 4.59
C VAL B 247 11.02 5.38 5.54
N LEU B 248 10.97 6.61 5.01
CA LEU B 248 10.61 7.75 5.82
C LEU B 248 9.14 7.66 6.26
N ASN B 249 8.28 7.21 5.34
CA ASN B 249 6.88 7.03 5.72
C ASN B 249 6.76 6.01 6.85
N ASP B 250 7.62 4.99 6.79
CA ASP B 250 7.61 3.96 7.82
C ASP B 250 8.00 4.54 9.17
N PHE B 251 9.06 5.35 9.21
CA PHE B 251 9.43 5.97 10.48
C PHE B 251 8.28 6.78 11.07
N CYS B 252 7.69 7.65 10.25
CA CYS B 252 6.53 8.44 10.70
C CYS B 252 5.42 7.55 11.28
N GLU B 253 5.06 6.50 10.56
CA GLU B 253 3.99 5.60 11.01
C GLU B 253 4.30 4.96 12.37
N LYS B 254 5.57 4.69 12.61
CA LYS B 254 5.98 4.07 13.87
C LYS B 254 6.32 5.06 14.98
N ASN B 255 6.27 6.35 14.66
CA ASN B 255 6.52 7.36 15.68
C ASN B 255 5.41 8.41 15.76
N ASN B 256 4.19 7.96 15.47
CA ASN B 256 2.99 8.77 15.59
C ASN B 256 3.01 10.07 14.79
N LEU B 257 3.47 9.98 13.54
CA LEU B 257 3.48 11.13 12.66
C LEU B 257 2.76 10.81 11.37
N ASN B 258 2.05 11.80 10.83
CA ASN B 258 1.48 11.70 9.50
C ASN B 258 2.50 12.21 8.48
N PHE B 259 3.01 11.32 7.62
CA PHE B 259 4.02 11.69 6.64
C PHE B 259 3.60 12.91 5.82
N LEU B 260 2.39 12.87 5.28
CA LEU B 260 1.91 13.94 4.39
C LEU B 260 1.49 15.21 5.12
N MET B 261 0.97 15.07 6.34
N MET B 261 1.01 15.10 6.36
CA MET B 261 0.34 16.18 7.05
CA MET B 261 0.32 16.21 7.02
C MET B 261 1.21 16.81 8.12
C MET B 261 1.00 16.75 8.29
N SER B 262 1.90 15.98 8.89
CA SER B 262 2.64 16.46 10.06
C SER B 262 3.89 17.25 9.67
N SER B 263 4.37 18.08 10.60
CA SER B 263 5.67 18.74 10.45
C SER B 263 6.74 17.88 11.11
N TRP B 264 7.67 17.36 10.32
CA TRP B 264 8.78 16.60 10.87
C TRP B 264 10.12 17.01 10.28
N TRP B 265 11.15 16.95 11.12
CA TRP B 265 12.53 17.26 10.72
C TRP B 265 13.39 16.04 10.99
N PRO B 266 13.75 15.29 9.94
CA PRO B 266 14.44 14.00 10.06
C PRO B 266 15.74 14.09 10.87
N ASN B 267 15.88 13.19 11.83
CA ASN B 267 17.15 12.98 12.52
C ASN B 267 18.12 12.23 11.61
N LEU B 268 19.21 12.88 11.21
CA LEU B 268 20.12 12.31 10.24
C LEU B 268 20.74 10.98 10.72
N GLU B 269 20.77 10.78 12.03
CA GLU B 269 21.31 9.55 12.58
C GLU B 269 20.36 8.39 12.33
N ASP B 270 19.06 8.66 12.45
CA ASP B 270 18.03 7.67 12.11
C ASP B 270 18.16 7.29 10.64
N LEU B 271 18.35 8.28 9.79
CA LEU B 271 18.42 8.04 8.35
C LEU B 271 19.68 7.25 7.99
N TYR B 272 20.79 7.58 8.63
CA TYR B 272 22.06 6.88 8.39
C TYR B 272 21.93 5.42 8.81
N GLU B 273 21.40 5.21 10.01
CA GLU B 273 21.17 3.88 10.55
C GLU B 273 20.27 3.05 9.61
N ALA B 274 19.28 3.70 9.00
CA ALA B 274 18.35 3.04 8.09
C ALA B 274 18.88 2.94 6.65
N ASN B 275 20.14 3.29 6.45
N ASN B 275 20.14 3.29 6.46
CA ASN B 275 20.78 3.24 5.15
CA ASN B 275 20.82 3.27 5.16
C ASN B 275 20.09 4.11 4.08
C ASN B 275 20.15 4.13 4.09
N VAL B 276 19.61 5.27 4.50
CA VAL B 276 19.05 6.24 3.58
C VAL B 276 20.10 7.31 3.29
N PRO B 277 20.44 7.49 2.01
CA PRO B 277 21.38 8.56 1.64
C PRO B 277 20.71 9.93 1.70
N VAL B 278 21.45 10.93 2.15
CA VAL B 278 20.93 12.30 2.20
C VAL B 278 21.87 13.19 1.39
N TYR B 279 21.34 13.82 0.36
CA TYR B 279 22.08 14.81 -0.40
C TYR B 279 21.92 16.12 0.35
N ARG B 280 23.01 16.75 0.75
CA ARG B 280 22.86 18.07 1.37
C ARG B 280 23.81 19.08 0.75
N PHE B 281 23.31 20.30 0.55
CA PHE B 281 24.08 21.33 -0.13
C PHE B 281 23.67 22.72 0.33
N ILE B 282 24.50 23.69 -0.02
CA ILE B 282 24.18 25.09 0.22
C ILE B 282 23.70 25.68 -1.08
N GLN B 283 22.55 26.33 -1.01
CA GLN B 283 22.02 27.09 -2.13
C GLN B 283 22.32 28.56 -1.86
N ARG B 284 23.17 29.16 -2.69
CA ARG B 284 23.58 30.56 -2.56
C ARG B 284 22.68 31.47 -3.38
N PRO B 285 22.71 32.79 -3.11
CA PRO B 285 21.90 33.70 -3.92
C PRO B 285 22.16 33.52 -5.41
N GLY B 286 21.09 33.40 -6.18
CA GLY B 286 21.17 33.13 -7.60
C GLY B 286 21.19 31.65 -7.98
N ASP B 287 21.43 30.78 -7.00
CA ASP B 287 21.40 29.33 -7.26
C ASP B 287 19.95 28.85 -7.43
N LEU B 288 19.69 28.17 -8.54
CA LEU B 288 18.39 27.55 -8.78
C LEU B 288 18.44 26.10 -8.36
N VAL B 289 17.47 25.68 -7.54
CA VAL B 289 17.36 24.29 -7.13
C VAL B 289 16.20 23.64 -7.89
N TRP B 290 16.51 22.57 -8.58
CA TRP B 290 15.52 21.75 -9.25
C TRP B 290 15.25 20.52 -8.40
N ILE B 291 14.06 20.42 -7.84
CA ILE B 291 13.66 19.23 -7.09
C ILE B 291 12.92 18.29 -8.01
N ASN B 292 13.50 17.11 -8.26
CA ASN B 292 12.90 16.17 -9.20
C ASN B 292 11.66 15.49 -8.61
N ALA B 293 10.93 14.76 -9.46
CA ALA B 293 9.61 14.25 -9.09
C ALA B 293 9.66 13.30 -7.89
N GLY B 294 8.92 13.65 -6.83
CA GLY B 294 8.82 12.77 -5.68
C GLY B 294 10.01 12.80 -4.75
N THR B 295 11.00 13.67 -5.05
CA THR B 295 12.16 13.81 -4.17
C THR B 295 11.74 14.38 -2.82
N VAL B 296 12.13 13.72 -1.74
CA VAL B 296 11.81 14.18 -0.40
C VAL B 296 12.88 15.20 0.04
N HIS B 297 12.45 16.30 0.64
CA HIS B 297 13.37 17.35 1.03
C HIS B 297 12.88 18.19 2.19
N TRP B 298 13.85 18.82 2.85
CA TRP B 298 13.57 19.80 3.88
C TRP B 298 14.67 20.87 3.80
N VAL B 299 14.38 22.07 4.28
CA VAL B 299 15.20 23.24 3.97
C VAL B 299 15.30 24.14 5.18
N GLN B 300 16.46 24.78 5.37
CA GLN B 300 16.58 25.82 6.39
C GLN B 300 17.40 27.01 5.90
N ALA B 301 17.01 28.20 6.34
CA ALA B 301 17.78 29.40 6.05
C ALA B 301 18.99 29.45 6.97
N VAL B 302 20.16 29.67 6.39
CA VAL B 302 21.39 29.86 7.13
C VAL B 302 21.50 31.35 7.50
N GLY B 303 21.21 32.20 6.53
CA GLY B 303 21.22 33.65 6.74
C GLY B 303 19.84 34.27 6.57
N TRP B 304 19.84 35.59 6.37
CA TRP B 304 18.65 36.32 5.99
C TRP B 304 18.52 36.27 4.49
N CYS B 305 17.35 35.85 4.00
CA CYS B 305 17.12 35.77 2.57
C CYS B 305 15.65 35.59 2.26
N ASN B 306 15.30 35.80 0.99
CA ASN B 306 14.00 35.42 0.44
C ASN B 306 14.21 34.33 -0.60
N ASN B 307 13.20 33.49 -0.80
CA ASN B 307 13.19 32.51 -1.90
C ASN B 307 11.90 32.62 -2.73
N ILE B 308 11.99 32.30 -4.01
CA ILE B 308 10.77 32.12 -4.79
C ILE B 308 10.71 30.67 -5.27
N ALA B 309 9.50 30.14 -5.42
CA ALA B 309 9.37 28.76 -5.84
C ALA B 309 8.02 28.48 -6.46
N TRP B 310 7.99 27.44 -7.30
CA TRP B 310 6.77 27.02 -7.96
C TRP B 310 7.00 25.59 -8.44
N ASN B 311 5.99 25.02 -9.08
CA ASN B 311 6.09 23.65 -9.54
C ASN B 311 6.11 23.56 -11.02
N VAL B 312 6.64 22.45 -11.50
CA VAL B 312 6.69 22.14 -12.92
C VAL B 312 6.44 20.63 -13.11
N GLY B 313 5.69 20.26 -14.12
CA GLY B 313 5.58 18.87 -14.50
C GLY B 313 6.07 18.56 -15.90
N PRO B 314 7.30 18.04 -16.01
CA PRO B 314 7.86 17.67 -17.32
C PRO B 314 7.02 16.59 -18.02
N LEU B 315 7.05 16.59 -19.35
CA LEU B 315 6.30 15.58 -20.10
C LEU B 315 7.04 14.25 -20.14
N THR B 316 7.23 13.60 -19.00
CA THR B 316 7.89 12.30 -18.96
C THR B 316 7.01 11.22 -18.34
N ALA B 317 7.28 9.98 -18.70
CA ALA B 317 6.62 8.82 -18.09
C ALA B 317 6.83 8.83 -16.57
N CYS B 318 8.05 9.16 -16.13
CA CYS B 318 8.34 9.16 -14.70
C CYS B 318 7.47 10.17 -13.96
N GLN B 319 7.40 11.40 -14.45
CA GLN B 319 6.56 12.41 -13.81
C GLN B 319 5.07 12.00 -13.75
N TYR B 320 4.51 11.57 -14.87
CA TYR B 320 3.11 11.17 -14.91
C TYR B 320 2.86 9.99 -13.96
N LYS B 321 3.74 9.00 -14.01
CA LYS B 321 3.56 7.84 -13.12
C LYS B 321 3.56 8.24 -11.64
N LEU B 322 4.50 9.08 -11.23
CA LEU B 322 4.60 9.45 -9.82
C LEU B 322 3.44 10.34 -9.37
N ALA B 323 2.90 11.11 -10.30
CA ALA B 323 1.76 11.97 -10.01
C ALA B 323 0.47 11.14 -9.81
N VAL B 324 0.26 10.15 -10.68
CA VAL B 324 -0.87 9.24 -10.57
C VAL B 324 -0.77 8.42 -9.31
N GLU B 325 0.44 7.93 -9.02
CA GLU B 325 0.68 7.15 -7.79
C GLU B 325 0.33 7.93 -6.53
N ARG B 326 0.78 9.17 -6.45
CA ARG B 326 0.49 10.00 -5.30
C ARG B 326 -0.97 10.41 -5.29
N TYR B 327 -1.54 10.63 -6.47
CA TYR B 327 -2.97 10.90 -6.60
C TYR B 327 -3.79 9.76 -5.97
N GLU B 328 -3.40 8.52 -6.24
CA GLU B 328 -4.13 7.39 -5.69
C GLU B 328 -3.82 7.20 -4.20
N TRP B 329 -2.58 7.45 -3.81
CA TRP B 329 -2.19 7.31 -2.41
C TRP B 329 -2.89 8.33 -1.53
N ASN B 330 -3.07 9.56 -2.04
CA ASN B 330 -3.81 10.57 -1.31
C ASN B 330 -5.27 10.14 -1.01
N LYS B 331 -5.85 9.33 -1.89
CA LYS B 331 -7.23 8.87 -1.65
C LYS B 331 -7.24 7.95 -0.44
N LEU B 332 -6.31 7.01 -0.41
CA LEU B 332 -6.18 6.07 0.71
C LEU B 332 -5.99 6.77 2.05
N LYS B 333 -5.31 7.91 2.00
CA LYS B 333 -4.98 8.66 3.21
C LYS B 333 -5.97 9.78 3.53
N SER B 334 -7.02 9.88 2.72
CA SER B 334 -8.04 10.91 2.86
C SER B 334 -7.45 12.30 2.78
N VAL B 335 -6.58 12.52 1.80
CA VAL B 335 -5.94 13.81 1.56
C VAL B 335 -6.33 14.32 0.18
N LYS B 336 -6.72 15.58 0.06
CA LYS B 336 -7.07 16.11 -1.25
C LYS B 336 -5.83 16.20 -2.17
N SER B 337 -5.98 15.83 -3.44
CA SER B 337 -4.96 16.09 -4.46
C SER B 337 -5.17 17.47 -5.07
N PRO B 338 -4.20 18.39 -4.86
CA PRO B 338 -4.31 19.72 -5.47
C PRO B 338 -4.30 19.64 -6.99
N VAL B 339 -3.72 18.58 -7.54
CA VAL B 339 -3.68 18.41 -8.99
C VAL B 339 -4.75 17.41 -9.44
N PRO B 340 -5.73 17.88 -10.23
CA PRO B 340 -6.82 16.96 -10.64
C PRO B 340 -6.42 16.08 -11.82
N MET B 341 -5.84 14.92 -11.52
CA MET B 341 -5.20 14.08 -12.53
C MET B 341 -6.15 13.50 -13.59
N VAL B 342 -7.44 13.38 -13.29
CA VAL B 342 -8.39 12.96 -14.31
C VAL B 342 -8.60 14.10 -15.34
N HIS B 343 -8.98 15.27 -14.84
CA HIS B 343 -9.13 16.47 -15.63
C HIS B 343 -7.89 16.70 -16.50
N LEU B 344 -6.72 16.58 -15.87
CA LEU B 344 -5.45 16.85 -16.56
C LEU B 344 -5.21 15.81 -17.64
N SER B 345 -5.45 14.53 -17.35
CA SER B 345 -5.26 13.47 -18.34
C SER B 345 -6.08 13.65 -19.62
N TRP B 346 -7.31 14.13 -19.50
CA TRP B 346 -8.12 14.39 -20.68
C TRP B 346 -7.56 15.55 -21.52
N ASN B 347 -7.13 16.62 -20.84
CA ASN B 347 -6.54 17.75 -21.53
C ASN B 347 -5.21 17.38 -22.18
N MET B 348 -4.49 16.44 -21.58
CA MET B 348 -3.27 15.93 -22.19
C MET B 348 -3.64 15.21 -23.49
N ALA B 349 -4.73 14.45 -23.43
CA ALA B 349 -5.17 13.70 -24.61
C ALA B 349 -5.63 14.64 -25.71
N ARG B 350 -6.10 15.82 -25.31
CA ARG B 350 -6.57 16.83 -26.26
C ARG B 350 -5.44 17.61 -26.88
N ASN B 351 -4.48 18.04 -26.06
CA ASN B 351 -3.52 19.05 -26.48
C ASN B 351 -2.14 18.55 -26.84
N ILE B 352 -1.81 17.33 -26.41
CA ILE B 352 -0.43 16.90 -26.48
C ILE B 352 -0.25 15.69 -27.37
N LYS B 353 0.74 15.76 -28.25
CA LYS B 353 1.14 14.59 -29.05
C LYS B 353 2.25 13.84 -28.34
N VAL B 354 1.92 12.65 -27.84
CA VAL B 354 2.87 11.87 -27.07
C VAL B 354 3.66 10.93 -27.98
N SER B 355 4.99 10.95 -27.85
CA SER B 355 5.83 10.08 -28.66
C SER B 355 6.60 9.04 -27.86
N ASP B 356 6.62 9.16 -26.54
CA ASP B 356 7.19 8.08 -25.71
C ASP B 356 6.15 6.98 -25.46
N PRO B 357 6.45 5.73 -25.88
CA PRO B 357 5.49 4.63 -25.77
C PRO B 357 5.09 4.34 -24.33
N LYS B 358 6.02 4.50 -23.37
CA LYS B 358 5.70 4.22 -21.97
C LYS B 358 4.70 5.24 -21.46
N LEU B 359 4.99 6.53 -21.67
CA LEU B 359 4.11 7.58 -21.19
C LEU B 359 2.76 7.46 -21.88
N PHE B 360 2.80 7.17 -23.17
CA PHE B 360 1.57 6.99 -23.94
C PHE B 360 0.70 5.87 -23.36
N GLU B 361 1.31 4.73 -23.07
CA GLU B 361 0.57 3.61 -22.51
C GLU B 361 -0.07 3.97 -21.18
N MET B 362 0.66 4.69 -20.33
CA MET B 362 0.12 5.09 -19.03
C MET B 362 -1.11 5.98 -19.15
N ILE B 363 -1.06 6.95 -20.05
CA ILE B 363 -2.17 7.87 -20.22
C ILE B 363 -3.39 7.18 -20.83
N LYS B 364 -3.12 6.37 -21.84
CA LYS B 364 -4.16 5.67 -22.59
C LYS B 364 -4.92 4.73 -21.65
N TYR B 365 -4.15 4.04 -20.79
CA TYR B 365 -4.69 3.15 -19.78
C TYR B 365 -5.55 3.90 -18.77
N CYS B 366 -5.06 5.01 -18.24
CA CYS B 366 -5.87 5.86 -17.35
C CYS B 366 -7.15 6.35 -18.03
N LEU B 367 -7.05 6.83 -19.26
CA LEU B 367 -8.22 7.33 -19.94
C LEU B 367 -9.24 6.23 -20.15
N LEU B 368 -8.75 5.03 -20.42
CA LEU B 368 -9.62 3.87 -20.61
C LEU B 368 -10.40 3.54 -19.35
N LYS B 369 -9.71 3.46 -18.22
CA LYS B 369 -10.34 3.15 -16.96
C LYS B 369 -11.37 4.20 -16.55
N ILE B 370 -11.00 5.47 -16.71
CA ILE B 370 -11.91 6.58 -16.44
C ILE B 370 -13.17 6.51 -17.28
N LEU B 371 -12.97 6.30 -18.58
CA LEU B 371 -14.02 6.37 -19.57
C LEU B 371 -15.07 5.29 -19.34
N LYS B 372 -14.59 4.10 -19.04
N LYS B 372 -14.60 4.07 -19.11
CA LYS B 372 -15.48 2.97 -18.82
CA LYS B 372 -15.52 2.94 -18.98
C LYS B 372 -16.17 3.05 -17.45
C LYS B 372 -16.31 3.03 -17.69
N GLN B 373 -15.43 3.38 -16.40
N GLN B 373 -15.64 3.38 -16.59
CA GLN B 373 -16.04 3.53 -15.07
CA GLN B 373 -16.28 3.39 -15.29
C GLN B 373 -17.16 4.57 -15.15
C GLN B 373 -17.21 4.57 -15.18
N TYR B 374 -16.91 5.62 -15.93
CA TYR B 374 -17.89 6.67 -16.15
C TYR B 374 -19.07 6.17 -16.97
N GLN B 375 -18.78 5.30 -17.93
CA GLN B 375 -19.83 4.76 -18.78
C GLN B 375 -20.74 3.84 -18.00
N THR B 376 -20.15 2.91 -17.26
CA THR B 376 -20.89 2.04 -16.35
C THR B 376 -21.86 2.80 -15.46
N LEU B 377 -21.32 3.75 -14.70
CA LEU B 377 -22.15 4.50 -13.78
C LEU B 377 -23.27 5.23 -14.51
N ARG B 378 -22.99 5.78 -15.69
CA ARG B 378 -24.00 6.56 -16.42
C ARG B 378 -25.18 5.69 -16.83
N GLU B 379 -24.90 4.48 -17.34
N GLU B 379 -24.87 4.50 -17.34
CA GLU B 379 -25.98 3.60 -17.75
CA GLU B 379 -25.91 3.55 -17.75
C GLU B 379 -26.77 3.09 -16.55
C GLU B 379 -26.75 3.12 -16.56
N ALA B 380 -26.13 3.00 -15.39
CA ALA B 380 -26.83 2.53 -14.19
C ALA B 380 -27.82 3.59 -13.69
N LEU B 381 -27.37 4.83 -13.65
CA LEU B 381 -28.24 5.94 -13.28
C LEU B 381 -29.48 6.02 -14.17
N VAL B 382 -29.33 5.77 -15.47
CA VAL B 382 -30.48 5.83 -16.39
C VAL B 382 -31.32 4.55 -16.26
N ALA B 383 -30.68 3.46 -15.87
CA ALA B 383 -31.36 2.20 -15.60
C ALA B 383 -32.40 2.33 -14.48
N ALA B 384 -32.02 3.01 -13.40
CA ALA B 384 -32.91 3.20 -12.27
C ALA B 384 -33.66 4.53 -12.39
N GLY B 385 -33.94 4.93 -13.62
CA GLY B 385 -34.70 6.14 -13.91
C GLY B 385 -34.18 7.40 -13.24
N LYS B 386 -32.95 7.79 -13.58
CA LYS B 386 -32.42 9.06 -13.11
C LYS B 386 -31.98 9.94 -14.29
N GLU B 387 -32.68 11.05 -14.47
CA GLU B 387 -32.46 11.97 -15.58
C GLU B 387 -31.05 12.60 -15.56
N VAL B 388 -30.14 12.07 -16.37
CA VAL B 388 -28.86 12.72 -16.54
C VAL B 388 -29.05 14.04 -17.27
N ILE B 389 -28.94 15.14 -16.53
CA ILE B 389 -29.17 16.46 -17.09
C ILE B 389 -27.88 17.11 -17.61
N TRP B 390 -27.92 17.58 -18.86
CA TRP B 390 -26.78 18.25 -19.44
C TRP B 390 -26.52 19.57 -18.71
N HIS B 391 -25.24 19.84 -18.44
CA HIS B 391 -24.87 20.97 -17.61
C HIS B 391 -23.70 21.76 -18.21
N GLY B 392 -22.78 21.04 -18.84
CA GLY B 392 -21.66 21.64 -19.53
C GLY B 392 -20.75 22.48 -18.66
N ARG B 393 -19.97 23.35 -19.30
CA ARG B 393 -19.02 24.18 -18.57
C ARG B 393 -18.48 25.32 -19.40
N THR B 394 -17.85 26.26 -18.70
CA THR B 394 -16.98 27.28 -19.29
C THR B 394 -15.67 26.65 -19.75
N ASN B 395 -15.04 27.26 -20.74
CA ASN B 395 -13.73 26.84 -21.23
C ASN B 395 -12.68 26.70 -20.11
N ASP B 396 -12.48 27.75 -19.32
CA ASP B 396 -11.47 27.74 -18.27
C ASP B 396 -12.03 27.35 -16.90
N GLU B 397 -13.16 26.64 -16.91
CA GLU B 397 -13.80 26.16 -15.68
C GLU B 397 -12.98 25.06 -15.01
N PRO B 398 -12.62 25.27 -13.74
CA PRO B 398 -11.73 24.34 -13.01
C PRO B 398 -12.32 22.94 -12.86
N ALA B 399 -11.49 22.00 -12.43
CA ALA B 399 -11.94 20.66 -12.11
C ALA B 399 -12.81 20.70 -10.85
N HIS B 400 -13.60 19.66 -10.63
CA HIS B 400 -14.48 19.64 -9.48
C HIS B 400 -14.10 18.55 -8.48
N TYR B 401 -14.18 18.90 -7.21
CA TYR B 401 -13.92 17.96 -6.12
C TYR B 401 -15.18 17.76 -5.28
N CYS B 402 -15.34 16.58 -4.68
CA CYS B 402 -16.48 16.31 -3.81
C CYS B 402 -16.50 17.23 -2.59
N SER B 403 -17.62 17.89 -2.33
CA SER B 403 -17.71 18.83 -1.22
C SER B 403 -17.62 18.16 0.15
N ILE B 404 -17.77 16.84 0.19
CA ILE B 404 -17.64 16.08 1.42
C ILE B 404 -16.26 15.45 1.60
N CYS B 405 -15.88 14.57 0.68
CA CYS B 405 -14.67 13.78 0.81
C CYS B 405 -13.48 14.34 0.02
N GLU B 406 -13.76 15.32 -0.82
CA GLU B 406 -12.74 16.04 -1.62
C GLU B 406 -12.00 15.19 -2.66
N VAL B 407 -12.61 14.09 -3.07
CA VAL B 407 -12.09 13.33 -4.19
C VAL B 407 -12.42 14.11 -5.44
N GLU B 408 -11.61 13.98 -6.48
CA GLU B 408 -11.95 14.60 -7.75
C GLU B 408 -13.22 13.93 -8.29
N VAL B 409 -14.11 14.73 -8.86
CA VAL B 409 -15.31 14.18 -9.47
C VAL B 409 -15.27 14.58 -10.93
N PHE B 410 -15.36 13.59 -11.81
CA PHE B 410 -15.29 13.89 -13.23
C PHE B 410 -16.59 13.61 -13.98
N ASN B 411 -17.06 14.64 -14.69
CA ASN B 411 -18.21 14.59 -15.60
C ASN B 411 -19.56 14.53 -14.87
N LEU B 412 -19.89 13.38 -14.30
CA LEU B 412 -21.16 13.22 -13.58
C LEU B 412 -21.09 13.87 -12.20
N LEU B 413 -21.71 15.04 -12.07
CA LEU B 413 -21.76 15.76 -10.80
C LEU B 413 -23.06 15.41 -10.03
N PHE B 414 -22.93 15.04 -8.75
CA PHE B 414 -24.11 14.80 -7.93
C PHE B 414 -24.41 16.02 -7.08
N VAL B 415 -25.56 16.62 -7.35
CA VAL B 415 -25.95 17.87 -6.74
C VAL B 415 -27.35 17.70 -6.13
N THR B 416 -27.57 18.22 -4.92
CA THR B 416 -28.90 18.10 -4.30
C THR B 416 -29.96 18.81 -5.13
N ASN B 417 -31.21 18.36 -5.00
CA ASN B 417 -32.33 19.01 -5.66
C ASN B 417 -32.33 20.49 -5.40
N GLU B 418 -32.05 20.84 -4.15
CA GLU B 418 -32.07 22.24 -3.72
C GLU B 418 -30.91 23.06 -4.26
N SER B 419 -29.70 22.48 -4.27
CA SER B 419 -28.52 23.20 -4.75
C SER B 419 -28.66 23.46 -6.25
N ASN B 420 -29.24 22.48 -6.94
CA ASN B 420 -29.53 22.60 -8.35
C ASN B 420 -30.54 23.71 -8.67
N THR B 421 -31.59 23.78 -7.86
CA THR B 421 -32.60 24.82 -8.00
C THR B 421 -32.01 26.20 -7.75
N GLN B 422 -31.25 26.33 -6.67
CA GLN B 422 -30.65 27.63 -6.30
C GLN B 422 -29.44 27.98 -7.17
N LYS B 423 -29.10 27.09 -8.08
CA LYS B 423 -28.02 27.30 -9.04
C LYS B 423 -26.63 27.40 -8.38
N THR B 424 -26.51 26.89 -7.15
CA THR B 424 -25.20 26.87 -6.48
C THR B 424 -24.34 25.70 -6.94
N TYR B 425 -25.00 24.63 -7.38
CA TYR B 425 -24.36 23.46 -7.96
C TYR B 425 -23.21 22.91 -7.09
N ILE B 426 -23.51 22.53 -5.86
CA ILE B 426 -22.50 22.03 -4.95
C ILE B 426 -22.23 20.53 -5.22
N VAL B 427 -21.04 20.25 -5.75
CA VAL B 427 -20.73 18.90 -6.25
C VAL B 427 -20.50 17.85 -5.16
N HIS B 428 -21.08 16.68 -5.37
CA HIS B 428 -20.81 15.49 -4.56
C HIS B 428 -20.33 14.41 -5.49
N CYS B 429 -19.53 13.47 -4.98
CA CYS B 429 -19.29 12.19 -5.68
C CYS B 429 -20.49 11.26 -5.47
N HIS B 430 -20.55 10.19 -6.25
CA HIS B 430 -21.63 9.22 -6.15
C HIS B 430 -21.74 8.57 -4.76
N ASP B 431 -20.60 8.16 -4.24
CA ASP B 431 -20.49 7.51 -2.94
C ASP B 431 -21.06 8.36 -1.81
N CYS B 432 -20.64 9.63 -1.77
CA CYS B 432 -21.06 10.51 -0.69
C CYS B 432 -22.55 10.84 -0.80
N ALA B 433 -23.03 11.02 -2.03
CA ALA B 433 -24.44 11.26 -2.27
C ALA B 433 -25.28 10.08 -1.74
N ARG B 434 -24.87 8.86 -2.12
CA ARG B 434 -25.59 7.66 -1.73
C ARG B 434 -25.57 7.40 -0.22
N LYS B 435 -24.48 7.78 0.45
CA LYS B 435 -24.45 7.71 1.90
C LYS B 435 -25.51 8.63 2.51
N THR B 436 -25.82 9.71 1.80
CA THR B 436 -26.74 10.75 2.26
C THR B 436 -28.16 10.35 1.92
N SER B 437 -28.33 9.89 0.69
CA SER B 437 -29.62 9.68 0.08
C SER B 437 -29.64 8.34 -0.65
N LYS B 438 -30.16 7.31 0.03
CA LYS B 438 -29.95 5.92 -0.38
C LYS B 438 -30.31 5.61 -1.84
N SER B 439 -31.32 6.28 -2.37
CA SER B 439 -31.72 6.04 -3.75
C SER B 439 -31.49 7.28 -4.61
N LEU B 440 -30.67 8.19 -4.08
CA LEU B 440 -30.38 9.47 -4.73
C LEU B 440 -31.63 10.31 -4.95
N GLU B 441 -32.67 10.08 -4.16
CA GLU B 441 -33.92 10.82 -4.31
C GLU B 441 -33.71 12.31 -4.04
N ASN B 442 -32.70 12.62 -3.23
CA ASN B 442 -32.37 14.02 -2.91
C ASN B 442 -31.41 14.70 -3.91
N PHE B 443 -30.95 13.96 -4.91
CA PHE B 443 -29.92 14.48 -5.82
C PHE B 443 -30.34 14.48 -7.28
N VAL B 444 -29.85 15.47 -8.03
CA VAL B 444 -29.86 15.42 -9.48
C VAL B 444 -28.47 15.02 -9.98
N VAL B 445 -28.39 14.58 -11.23
CA VAL B 445 -27.13 14.21 -11.86
C VAL B 445 -26.83 15.15 -13.02
N LEU B 446 -25.76 15.92 -12.92
CA LEU B 446 -25.40 16.84 -13.98
C LEU B 446 -24.32 16.22 -14.87
N GLU B 447 -24.13 16.80 -16.05
CA GLU B 447 -23.13 16.29 -16.98
C GLU B 447 -22.44 17.41 -17.72
N GLN B 448 -21.13 17.49 -17.57
CA GLN B 448 -20.36 18.59 -18.13
C GLN B 448 -19.81 18.24 -19.52
N TYR B 449 -19.74 16.95 -19.82
CA TYR B 449 -19.19 16.46 -21.09
C TYR B 449 -20.10 15.41 -21.66
N LYS B 450 -20.53 15.60 -22.90
CA LYS B 450 -21.28 14.54 -23.58
C LYS B 450 -20.30 13.43 -23.90
N MET B 451 -20.77 12.19 -23.74
CA MET B 451 -19.91 11.03 -23.92
C MET B 451 -19.28 10.96 -25.30
N GLU B 452 -20.04 11.38 -26.32
CA GLU B 452 -19.58 11.37 -27.69
C GLU B 452 -18.24 12.09 -27.86
N ASP B 453 -18.12 13.27 -27.26
CA ASP B 453 -16.89 14.04 -27.33
C ASP B 453 -15.76 13.30 -26.61
N LEU B 454 -16.09 12.61 -25.51
CA LEU B 454 -15.08 11.88 -24.74
C LEU B 454 -14.54 10.69 -25.52
N ILE B 455 -15.41 9.94 -26.18
CA ILE B 455 -14.96 8.79 -26.95
C ILE B 455 -14.09 9.24 -28.13
N GLN B 456 -14.41 10.41 -28.67
CA GLN B 456 -13.66 10.98 -29.78
C GLN B 456 -12.24 11.31 -29.36
N VAL B 457 -12.11 12.03 -28.24
CA VAL B 457 -10.81 12.42 -27.71
C VAL B 457 -9.96 11.18 -27.48
N TYR B 458 -10.59 10.16 -26.91
CA TYR B 458 -9.90 8.90 -26.62
C TYR B 458 -9.40 8.18 -27.88
N ASP B 459 -10.25 8.09 -28.90
CA ASP B 459 -9.89 7.39 -30.12
C ASP B 459 -8.83 8.15 -30.89
N GLN B 460 -8.91 9.48 -30.82
CA GLN B 460 -7.99 10.36 -31.52
C GLN B 460 -6.63 10.45 -30.83
N PHE B 461 -6.54 9.92 -29.62
CA PHE B 461 -5.31 9.96 -28.86
C PHE B 461 -4.42 8.79 -29.25
N THR B 462 -3.40 9.08 -30.07
CA THR B 462 -2.58 8.03 -30.66
C THR B 462 -1.08 8.30 -30.53
N LEU B 463 -0.30 7.22 -30.48
CA LEU B 463 1.13 7.29 -30.31
C LEU B 463 1.81 7.80 -31.57
N ALA B 464 2.40 8.98 -31.48
CA ALA B 464 3.13 9.58 -32.59
C ALA B 464 4.45 8.88 -32.78
N LEU B 465 4.90 8.81 -34.03
CA LEU B 465 6.27 8.40 -34.27
C LEU B 465 7.18 9.62 -34.24
N SER B 466 8.01 9.69 -33.22
CA SER B 466 9.09 10.64 -33.20
C SER B 466 10.39 9.86 -33.06
N LEU B 467 11.45 10.37 -33.68
CA LEU B 467 12.78 9.83 -33.51
C LEU B 467 13.49 10.52 -32.36
N SER B 468 12.81 11.47 -31.73
CA SER B 468 13.48 12.37 -30.81
C SER B 468 13.75 11.88 -29.41
N SER B 469 14.75 12.54 -28.83
CA SER B 469 14.99 12.67 -27.40
C SER B 469 13.73 12.74 -26.54
N SER B 470 12.81 13.63 -26.87
CA SER B 470 11.70 13.93 -25.97
C SER B 470 10.61 12.85 -25.93
N SER B 471 9.82 12.89 -24.86
CA SER B 471 8.78 11.91 -24.62
C SER B 471 7.43 12.30 -25.22
N ALA B 472 7.25 13.60 -25.46
CA ALA B 472 5.98 14.13 -25.95
C ALA B 472 6.17 15.59 -26.38
N GLU B 473 5.24 16.09 -27.17
CA GLU B 473 5.31 17.47 -27.66
C GLU B 473 3.93 18.14 -27.58
N ASN B 474 3.90 19.37 -27.06
CA ASN B 474 2.70 20.21 -27.15
C ASN B 474 2.21 20.33 -28.60
N LEU B 475 0.92 20.08 -28.81
CA LEU B 475 0.30 20.25 -30.13
C LEU B 475 -0.88 21.22 -30.06
#